data_6EFH
#
_entry.id   6EFH
#
_cell.length_a   172.765
_cell.length_b   172.765
_cell.length_c   210.083
_cell.angle_alpha   90.00
_cell.angle_beta   90.00
_cell.angle_gamma   90.00
#
_symmetry.space_group_name_H-M   'I 4 2 2'
#
loop_
_entity.id
_entity.type
_entity.pdbx_description
1 polymer 'Pyruvate decarboxylase'
2 non-polymer (1S,2S)-1-amino-1,2-dihydroxypropan-1-olate
3 non-polymer 'THIAMINE DIPHOSPHATE'
4 non-polymer 'MAGNESIUM ION'
5 non-polymer 'PENTAETHYLENE GLYCOL'
6 water water
#
_entity_poly.entity_id   1
_entity_poly.type   'polypeptide(L)'
_entity_poly.pdbx_seq_one_letter_code
;MSEITLGRYLFERLKQVEVQTIFGLPGDFNLSLLDNIYEVPGMRWAGNANELNAAYAADGYARLKGMSCIITTFGVGELS
ALNGIAGSYAEHVGVLHVVGVPSVSSQAKQLLLHHTLGNGDFTVFHRMSSNISETTAMITDINTAPAEIDRCIRTTYVSQ
RPVYLGLPANLVDLTVPASLLDTPIDLSLKPNDPEAEEEVIENVLQLIKEAKNPVILADACCSRHDAKAETKKLIDLTQF
PAFVTPMGKGSIDEKHPRFGGVYVGTLSSPAVKEAVESADLVLSVGALLSDFNTGSFSYSYKTKNIVEFHSDYTKIRSAT
FPGVQMKFALQKLLTKVADAAKGYKPVPVPSEPEHNEAVADSTPLKQEWVWTQVGEFLREGDVVITETGTSAFGINQTHF
PNNTYGISQVLWGSIGFTTGATLGAAFAAEEIDPKKRVILFIGDGSLQLTVQEISTMIRWGLKPYLFVLNNDGYTIERLI
HGETAQYNCIQNWQHLELLPTFGAKDYEAVRVSTTGEWNKLTTDEKFQDNTRIRLIEVMLPTMDAPSNLVKQAQLTAATN
AKN
;
_entity_poly.pdbx_strand_id   A,B
#
# COMPACT_ATOMS: atom_id res chain seq x y z
N SER A 2 33.52 -18.63 -17.72
CA SER A 2 33.58 -17.30 -17.02
C SER A 2 32.14 -16.83 -16.78
N GLU A 3 31.58 -17.22 -15.62
CA GLU A 3 30.10 -17.26 -15.42
C GLU A 3 29.67 -16.60 -14.10
N ILE A 4 28.51 -15.93 -14.15
CA ILE A 4 27.96 -15.22 -13.00
C ILE A 4 26.51 -15.66 -12.81
N THR A 5 25.97 -15.43 -11.60
CA THR A 5 24.57 -15.76 -11.34
C THR A 5 23.64 -14.81 -12.12
N LEU A 6 22.39 -15.24 -12.30
CA LEU A 6 21.37 -14.45 -12.97
C LEU A 6 21.02 -13.23 -12.10
N GLY A 7 21.01 -13.43 -10.77
CA GLY A 7 20.96 -12.32 -9.82
C GLY A 7 21.98 -11.24 -10.15
N ARG A 8 23.26 -11.61 -10.12
CA ARG A 8 24.38 -10.76 -10.51
C ARG A 8 24.15 -10.15 -11.89
N TYR A 9 23.65 -10.96 -12.83
CA TYR A 9 23.48 -10.56 -14.24
C TYR A 9 22.55 -9.34 -14.35
N LEU A 10 21.46 -9.40 -13.58
CA LEU A 10 20.44 -8.37 -13.59
C LEU A 10 21.01 -7.05 -13.13
N PHE A 11 21.72 -7.09 -11.99
CA PHE A 11 22.20 -5.85 -11.40
C PHE A 11 23.24 -5.23 -12.32
N GLU A 12 24.09 -6.08 -12.93
CA GLU A 12 25.15 -5.59 -13.81
C GLU A 12 24.52 -4.84 -15.00
N ARG A 13 23.38 -5.37 -15.50
CA ARG A 13 22.64 -4.72 -16.60
C ARG A 13 22.03 -3.39 -16.12
N LEU A 14 21.49 -3.40 -14.89
CA LEU A 14 20.87 -2.21 -14.32
C LEU A 14 21.92 -1.09 -14.16
N LYS A 15 23.15 -1.46 -13.77
CA LYS A 15 24.25 -0.52 -13.69
C LYS A 15 24.57 0.06 -15.07
N GLN A 16 24.55 -0.75 -16.14
CA GLN A 16 24.91 -0.27 -17.51
C GLN A 16 23.85 0.73 -18.04
N VAL A 17 22.73 0.90 -17.33
CA VAL A 17 21.70 1.85 -17.74
C VAL A 17 21.56 2.95 -16.68
N GLU A 18 22.63 3.16 -15.89
CA GLU A 18 22.80 4.29 -14.95
C GLU A 18 21.78 4.18 -13.82
N VAL A 19 21.36 2.95 -13.51
CA VAL A 19 20.50 2.69 -12.41
C VAL A 19 21.36 2.14 -11.28
N GLN A 20 21.49 2.91 -10.19
CA GLN A 20 22.45 2.57 -9.17
C GLN A 20 21.74 2.24 -7.85
N THR A 21 20.62 2.90 -7.57
CA THR A 21 19.84 2.66 -6.36
C THR A 21 18.67 1.71 -6.64
N ILE A 22 18.49 0.73 -5.74
CA ILE A 22 17.53 -0.35 -5.87
C ILE A 22 16.52 -0.27 -4.73
N PHE A 23 15.24 -0.22 -5.12
CA PHE A 23 14.13 0.09 -4.20
C PHE A 23 13.45 -1.19 -3.77
N GLY A 24 12.74 -1.12 -2.64
CA GLY A 24 11.87 -2.17 -2.23
C GLY A 24 12.14 -2.53 -0.79
N LEU A 25 11.49 -3.62 -0.33
CA LEU A 25 11.79 -4.32 0.89
C LEU A 25 12.08 -5.79 0.60
N PRO A 26 12.92 -6.43 1.43
CA PRO A 26 13.23 -7.85 1.25
C PRO A 26 12.02 -8.67 1.70
N GLY A 27 12.00 -9.94 1.33
CA GLY A 27 11.00 -10.90 1.79
C GLY A 27 11.43 -12.33 1.57
N ASP A 28 10.47 -13.25 1.77
CA ASP A 28 10.76 -14.68 1.84
C ASP A 28 11.51 -15.13 0.58
N PHE A 29 11.25 -14.51 -0.59
CA PHE A 29 11.79 -15.02 -1.87
C PHE A 29 12.49 -13.94 -2.69
N ASN A 30 13.28 -13.07 -2.08
CA ASN A 30 14.15 -12.24 -2.90
C ASN A 30 15.50 -12.02 -2.19
N LEU A 31 15.79 -12.80 -1.16
CA LEU A 31 16.88 -12.53 -0.27
C LEU A 31 18.20 -12.79 -1.01
N SER A 32 18.34 -13.96 -1.63
CA SER A 32 19.54 -14.32 -2.36
C SER A 32 19.76 -13.29 -3.48
N LEU A 33 18.67 -12.82 -4.07
CA LEU A 33 18.76 -11.85 -5.14
C LEU A 33 19.43 -10.55 -4.65
N LEU A 34 19.13 -10.11 -3.44
CA LEU A 34 19.69 -8.86 -2.90
C LEU A 34 21.16 -9.04 -2.52
N ASP A 35 21.49 -10.23 -2.02
CA ASP A 35 22.87 -10.63 -1.85
C ASP A 35 23.71 -10.14 -3.02
N ASN A 36 23.16 -10.15 -4.24
CA ASN A 36 23.97 -9.88 -5.46
C ASN A 36 24.28 -8.39 -5.61
N ILE A 37 23.51 -7.53 -4.94
CA ILE A 37 23.64 -6.08 -5.14
C ILE A 37 25.02 -5.65 -4.64
N TYR A 38 25.43 -6.23 -3.51
CA TYR A 38 26.59 -5.78 -2.78
C TYR A 38 27.87 -6.25 -3.45
N GLU A 39 27.75 -7.06 -4.51
CA GLU A 39 28.88 -7.56 -5.31
C GLU A 39 29.11 -6.67 -6.55
N VAL A 40 28.37 -5.57 -6.70
CA VAL A 40 28.48 -4.79 -7.92
C VAL A 40 28.86 -3.36 -7.54
N PRO A 41 30.14 -2.98 -7.65
CA PRO A 41 30.53 -1.61 -7.35
C PRO A 41 29.57 -0.62 -8.05
N GLY A 42 28.94 0.27 -7.26
CA GLY A 42 28.06 1.32 -7.77
C GLY A 42 26.65 1.21 -7.22
N MET A 43 26.14 -0.03 -7.12
CA MET A 43 24.80 -0.32 -6.67
C MET A 43 24.72 -0.14 -5.16
N ARG A 44 23.50 0.03 -4.66
CA ARG A 44 23.15 0.07 -3.24
C ARG A 44 21.66 -0.23 -3.05
N TRP A 45 21.28 -0.62 -1.84
CA TRP A 45 19.93 -1.00 -1.54
C TRP A 45 19.31 0.05 -0.60
N ALA A 46 18.38 0.84 -1.14
CA ALA A 46 17.74 1.90 -0.37
C ALA A 46 17.19 1.34 0.96
N GLY A 47 16.48 0.19 0.87
CA GLY A 47 15.90 -0.40 2.04
C GLY A 47 14.81 0.50 2.64
N ASN A 48 13.69 0.58 1.92
CA ASN A 48 12.58 1.49 2.20
C ASN A 48 11.80 0.97 3.39
N ALA A 49 10.84 1.80 3.83
CA ALA A 49 10.07 1.65 5.04
C ALA A 49 8.74 0.94 4.77
N ASN A 50 8.26 0.95 3.52
CA ASN A 50 7.13 0.10 3.03
C ASN A 50 7.11 0.11 1.50
N GLU A 51 6.37 -0.85 0.91
CA GLU A 51 6.51 -1.17 -0.53
C GLU A 51 5.81 -0.13 -1.41
N LEU A 52 4.78 0.55 -0.89
CA LEU A 52 4.12 1.63 -1.65
C LEU A 52 5.07 2.82 -1.77
N ASN A 53 5.64 3.23 -0.63
CA ASN A 53 6.63 4.33 -0.60
C ASN A 53 7.80 3.95 -1.54
N ALA A 54 8.18 2.67 -1.54
CA ALA A 54 9.29 2.21 -2.38
C ALA A 54 8.95 2.44 -3.87
N ALA A 55 7.70 2.26 -4.26
CA ALA A 55 7.30 2.39 -5.65
C ALA A 55 7.24 3.87 -6.00
N TYR A 56 6.69 4.66 -5.08
CA TYR A 56 6.68 6.09 -5.26
C TYR A 56 8.13 6.57 -5.43
N ALA A 57 9.06 6.08 -4.60
CA ALA A 57 10.47 6.45 -4.73
C ALA A 57 11.02 6.06 -6.10
N ALA A 58 10.65 4.88 -6.58
CA ALA A 58 11.12 4.40 -7.88
C ALA A 58 10.58 5.31 -8.99
N ASP A 59 9.35 5.78 -8.84
CA ASP A 59 8.75 6.69 -9.83
C ASP A 59 9.70 7.90 -9.92
N GLY A 60 10.04 8.42 -8.74
CA GLY A 60 10.77 9.66 -8.62
C GLY A 60 12.19 9.53 -9.12
N TYR A 61 12.85 8.40 -8.81
CA TYR A 61 14.18 8.12 -9.32
C TYR A 61 14.20 8.03 -10.84
N ALA A 62 13.24 7.30 -11.40
CA ALA A 62 13.13 7.06 -12.84
C ALA A 62 12.91 8.38 -13.60
N ARG A 63 12.18 9.33 -13.01
CA ARG A 63 11.86 10.61 -13.68
C ARG A 63 13.17 11.37 -13.97
N LEU A 64 14.13 11.31 -13.05
CA LEU A 64 15.37 12.11 -13.13
C LEU A 64 16.47 11.40 -13.93
N LYS A 65 16.48 10.05 -13.83
CA LYS A 65 17.58 9.19 -14.18
C LYS A 65 17.29 8.45 -15.51
N GLY A 66 16.02 8.24 -15.84
CA GLY A 66 15.63 7.54 -17.04
C GLY A 66 14.75 6.35 -16.75
N MET A 67 15.14 5.51 -15.79
CA MET A 67 14.33 4.38 -15.38
C MET A 67 14.82 3.93 -14.01
N SER A 68 14.22 2.89 -13.43
CA SER A 68 14.42 2.57 -12.02
C SER A 68 13.93 1.15 -11.73
N CYS A 69 14.31 0.62 -10.58
CA CYS A 69 14.01 -0.75 -10.30
C CYS A 69 13.53 -0.83 -8.86
N ILE A 70 12.49 -1.63 -8.63
CA ILE A 70 11.95 -1.92 -7.31
C ILE A 70 11.80 -3.43 -7.23
N ILE A 71 12.10 -3.99 -6.06
CA ILE A 71 12.04 -5.39 -5.85
C ILE A 71 11.14 -5.64 -4.65
N THR A 72 10.23 -6.60 -4.81
CA THR A 72 9.32 -6.98 -3.77
C THR A 72 9.37 -8.50 -3.68
N THR A 73 8.68 -9.03 -2.68
CA THR A 73 8.51 -10.44 -2.54
C THR A 73 7.09 -10.81 -3.01
N PHE A 74 6.97 -12.00 -3.61
CA PHE A 74 5.68 -12.67 -3.89
C PHE A 74 4.57 -12.22 -2.94
N GLY A 75 3.42 -11.81 -3.48
CA GLY A 75 2.19 -11.58 -2.72
C GLY A 75 2.20 -10.29 -1.90
N VAL A 76 2.57 -10.43 -0.61
CA VAL A 76 2.50 -9.35 0.39
C VAL A 76 3.18 -8.08 -0.13
N GLY A 77 4.30 -8.27 -0.84
CA GLY A 77 5.14 -7.20 -1.35
C GLY A 77 4.55 -6.56 -2.59
N GLU A 78 4.36 -7.37 -3.63
CA GLU A 78 4.08 -6.78 -4.93
C GLU A 78 2.73 -6.07 -4.86
N LEU A 79 1.78 -6.60 -4.07
CA LEU A 79 0.43 -6.05 -4.04
C LEU A 79 0.44 -4.73 -3.29
N SER A 80 1.39 -4.54 -2.36
CA SER A 80 1.51 -3.31 -1.60
C SER A 80 1.96 -2.16 -2.52
N ALA A 81 2.71 -2.49 -3.58
CA ALA A 81 3.27 -1.46 -4.52
C ALA A 81 2.28 -1.07 -5.61
N LEU A 82 1.15 -1.75 -5.69
CA LEU A 82 0.38 -1.79 -6.92
C LEU A 82 -0.03 -0.37 -7.35
N ASN A 83 -0.45 0.47 -6.40
CA ASN A 83 -0.93 1.81 -6.67
C ASN A 83 0.24 2.71 -7.13
N GLY A 84 1.42 2.47 -6.54
CA GLY A 84 2.64 3.15 -6.99
C GLY A 84 2.94 2.90 -8.46
N ILE A 85 2.77 1.65 -8.91
CA ILE A 85 2.99 1.25 -10.29
C ILE A 85 1.92 1.90 -11.18
N ALA A 86 0.68 1.89 -10.69
CA ALA A 86 -0.45 2.33 -11.49
C ALA A 86 -0.25 3.80 -11.89
N GLY A 87 0.20 4.62 -10.93
CA GLY A 87 0.48 6.02 -11.18
C GLY A 87 1.67 6.20 -12.12
N SER A 88 2.62 5.25 -12.05
CA SER A 88 3.79 5.24 -12.91
C SER A 88 3.36 4.89 -14.34
N TYR A 89 2.42 3.93 -14.47
CA TYR A 89 1.87 3.53 -15.74
C TYR A 89 1.17 4.73 -16.35
N ALA A 90 0.37 5.43 -15.54
CA ALA A 90 -0.53 6.49 -15.99
C ALA A 90 0.24 7.74 -16.43
N GLU A 91 1.36 8.04 -15.77
CA GLU A 91 2.15 9.21 -16.11
C GLU A 91 3.41 8.82 -16.88
N HIS A 92 3.47 7.59 -17.38
CA HIS A 92 4.49 7.11 -18.30
C HIS A 92 5.86 7.27 -17.65
N VAL A 93 6.21 6.36 -16.74
CA VAL A 93 7.45 6.43 -15.97
C VAL A 93 8.04 5.02 -15.90
N GLY A 94 9.26 4.86 -16.46
CA GLY A 94 9.87 3.58 -16.54
C GLY A 94 10.28 3.07 -15.17
N VAL A 95 9.41 2.28 -14.54
CA VAL A 95 9.79 1.56 -13.35
C VAL A 95 9.84 0.10 -13.74
N LEU A 96 10.98 -0.57 -13.54
CA LEU A 96 11.02 -2.07 -13.61
C LEU A 96 10.70 -2.63 -12.21
N HIS A 97 9.58 -3.34 -12.13
CA HIS A 97 9.19 -4.00 -10.92
C HIS A 97 9.65 -5.46 -10.98
N VAL A 98 10.57 -5.81 -10.10
CA VAL A 98 11.07 -7.14 -10.02
C VAL A 98 10.51 -7.82 -8.77
N VAL A 99 9.87 -8.99 -8.94
CA VAL A 99 9.25 -9.72 -7.86
C VAL A 99 9.89 -11.10 -7.75
N GLY A 100 10.47 -11.40 -6.59
CA GLY A 100 10.99 -12.69 -6.34
C GLY A 100 9.86 -13.61 -5.94
N VAL A 101 9.87 -14.83 -6.46
CA VAL A 101 8.76 -15.75 -6.27
C VAL A 101 9.35 -17.12 -5.92
N PRO A 102 8.55 -18.07 -5.42
CA PRO A 102 9.09 -19.37 -5.05
C PRO A 102 9.57 -20.12 -6.31
N SER A 103 10.37 -21.16 -6.08
CA SER A 103 10.92 -22.01 -7.12
C SER A 103 9.81 -22.61 -7.98
N VAL A 104 9.99 -22.48 -9.30
CA VAL A 104 9.42 -23.41 -10.27
C VAL A 104 10.25 -24.69 -10.17
N SER A 105 9.64 -25.70 -9.54
CA SER A 105 10.35 -26.74 -8.82
C SER A 105 10.35 -28.05 -9.61
N SER A 106 9.14 -28.59 -9.79
CA SER A 106 8.86 -29.97 -10.13
C SER A 106 7.43 -30.30 -9.65
N GLN A 107 6.45 -30.05 -10.53
CA GLN A 107 4.98 -30.02 -10.24
C GLN A 107 4.59 -28.71 -9.52
N ALA A 108 5.51 -27.73 -9.57
CA ALA A 108 5.38 -26.41 -8.95
C ALA A 108 5.03 -26.55 -7.47
N LYS A 109 5.55 -27.59 -6.82
CA LYS A 109 5.08 -27.99 -5.50
C LYS A 109 5.75 -27.14 -4.41
N GLN A 110 6.72 -26.30 -4.78
CA GLN A 110 7.25 -25.26 -3.88
C GLN A 110 6.36 -24.03 -4.02
N LEU A 111 6.14 -23.65 -5.28
CA LEU A 111 5.30 -22.53 -5.69
C LEU A 111 3.91 -22.62 -5.05
N LEU A 112 3.40 -23.85 -4.85
CA LEU A 112 1.98 -24.10 -4.47
C LEU A 112 1.79 -24.01 -2.96
N LEU A 113 2.77 -24.52 -2.19
CA LEU A 113 2.68 -24.61 -0.72
C LEU A 113 2.82 -23.24 -0.05
N HIS A 114 3.78 -22.43 -0.55
CA HIS A 114 4.05 -21.06 -0.07
C HIS A 114 2.92 -20.10 -0.46
N HIS A 115 2.13 -20.48 -1.47
CA HIS A 115 0.98 -19.70 -1.97
C HIS A 115 -0.19 -19.83 -0.99
N THR A 116 -0.33 -18.80 -0.14
CA THR A 116 -1.16 -18.87 1.03
C THR A 116 -2.55 -18.26 0.72
N LEU A 117 -2.70 -17.63 -0.46
CA LEU A 117 -3.96 -16.97 -0.90
C LEU A 117 -5.10 -18.00 -1.01
N GLY A 118 -4.76 -19.26 -1.29
CA GLY A 118 -5.69 -20.36 -1.08
C GLY A 118 -6.27 -20.90 -2.37
N ASN A 119 -6.64 -19.99 -3.30
CA ASN A 119 -7.34 -20.29 -4.60
C ASN A 119 -6.51 -21.17 -5.55
N GLY A 120 -5.33 -21.65 -5.12
CA GLY A 120 -4.52 -22.63 -5.88
C GLY A 120 -3.92 -22.07 -7.18
N ASP A 121 -4.33 -20.84 -7.57
CA ASP A 121 -3.83 -20.14 -8.74
C ASP A 121 -2.70 -19.19 -8.33
N PHE A 122 -1.46 -19.57 -8.60
CA PHE A 122 -0.27 -18.85 -8.12
C PHE A 122 0.16 -17.75 -9.11
N THR A 123 -0.58 -17.60 -10.22
CA THR A 123 -0.25 -16.56 -11.21
C THR A 123 -1.05 -15.28 -10.98
N VAL A 124 -1.98 -15.33 -10.02
CA VAL A 124 -2.96 -14.28 -9.80
C VAL A 124 -2.30 -12.90 -9.76
N PHE A 125 -1.18 -12.79 -9.03
CA PHE A 125 -0.50 -11.52 -8.75
C PHE A 125 0.24 -11.00 -9.99
N HIS A 126 0.83 -11.92 -10.75
CA HIS A 126 1.33 -11.59 -12.07
C HIS A 126 0.16 -11.02 -12.90
N ARG A 127 -0.90 -11.81 -13.11
CA ARG A 127 -2.08 -11.36 -13.87
C ARG A 127 -2.42 -9.93 -13.49
N MET A 128 -2.55 -9.71 -12.17
CA MET A 128 -3.00 -8.44 -11.66
C MET A 128 -2.06 -7.33 -12.14
N SER A 129 -0.76 -7.53 -11.98
CA SER A 129 0.20 -6.49 -12.40
C SER A 129 0.18 -6.32 -13.94
N SER A 130 -0.32 -7.31 -14.71
CA SER A 130 -0.23 -7.29 -16.21
C SER A 130 -1.05 -6.11 -16.76
N ASN A 131 -2.10 -5.81 -16.02
CA ASN A 131 -3.05 -4.78 -16.29
C ASN A 131 -2.44 -3.39 -16.26
N ILE A 132 -1.37 -3.19 -15.51
CA ILE A 132 -0.78 -1.88 -15.29
C ILE A 132 0.74 -1.94 -15.57
N SER A 133 1.11 -2.69 -16.63
CA SER A 133 2.47 -2.91 -17.09
C SER A 133 2.49 -2.84 -18.62
N GLU A 134 3.59 -2.36 -19.20
CA GLU A 134 3.74 -2.39 -20.65
C GLU A 134 3.92 -3.84 -21.16
N THR A 135 4.83 -4.61 -20.59
CA THR A 135 4.80 -6.06 -20.74
C THR A 135 5.17 -6.66 -19.40
N THR A 136 5.13 -7.99 -19.33
CA THR A 136 5.55 -8.70 -18.17
C THR A 136 6.50 -9.82 -18.64
N ALA A 137 7.00 -10.60 -17.69
CA ALA A 137 7.85 -11.73 -17.95
C ALA A 137 7.95 -12.50 -16.64
N MET A 138 7.94 -13.82 -16.72
CA MET A 138 8.12 -14.68 -15.54
C MET A 138 9.12 -15.78 -15.89
N ILE A 139 10.39 -15.58 -15.52
CA ILE A 139 11.49 -16.36 -16.03
C ILE A 139 11.32 -17.79 -15.54
N THR A 140 11.23 -18.74 -16.47
CA THR A 140 11.13 -20.15 -16.14
C THR A 140 12.32 -20.92 -16.68
N ASP A 141 13.20 -20.26 -17.45
CA ASP A 141 14.17 -20.96 -18.32
C ASP A 141 15.46 -20.14 -18.48
N ILE A 142 16.52 -20.69 -17.90
CA ILE A 142 17.82 -20.04 -17.72
C ILE A 142 18.50 -19.76 -19.07
N ASN A 143 18.15 -20.52 -20.10
CA ASN A 143 18.75 -20.36 -21.40
C ASN A 143 18.22 -19.08 -22.04
N THR A 144 16.98 -18.71 -21.74
CA THR A 144 16.31 -17.51 -22.32
C THR A 144 16.37 -16.29 -21.38
N ALA A 145 16.67 -16.53 -20.09
CA ALA A 145 16.61 -15.50 -19.05
C ALA A 145 17.43 -14.26 -19.43
N PRO A 146 18.73 -14.35 -19.77
CA PRO A 146 19.47 -13.16 -20.14
C PRO A 146 18.76 -12.27 -21.16
N ALA A 147 18.23 -12.85 -22.24
CA ALA A 147 17.63 -12.01 -23.29
C ALA A 147 16.25 -11.48 -22.86
N GLU A 148 15.59 -12.19 -21.94
CA GLU A 148 14.27 -11.79 -21.42
C GLU A 148 14.43 -10.58 -20.51
N ILE A 149 15.48 -10.64 -19.67
CA ILE A 149 15.78 -9.55 -18.76
C ILE A 149 16.07 -8.31 -19.61
N ASP A 150 17.05 -8.42 -20.50
CA ASP A 150 17.44 -7.35 -21.45
C ASP A 150 16.17 -6.73 -22.07
N ARG A 151 15.22 -7.59 -22.50
CA ARG A 151 13.94 -7.17 -23.10
C ARG A 151 13.12 -6.32 -22.11
N CYS A 152 12.99 -6.83 -20.87
CA CYS A 152 12.25 -6.18 -19.80
C CYS A 152 12.79 -4.76 -19.53
N ILE A 153 14.13 -4.67 -19.51
CA ILE A 153 14.85 -3.42 -19.33
C ILE A 153 14.63 -2.50 -20.53
N ARG A 154 14.80 -3.04 -21.74
CA ARG A 154 14.64 -2.21 -22.93
C ARG A 154 13.27 -1.54 -22.91
N THR A 155 12.24 -2.32 -22.56
CA THR A 155 10.86 -1.91 -22.70
C THR A 155 10.56 -0.82 -21.67
N THR A 156 11.03 -1.02 -20.44
CA THR A 156 10.98 -0.02 -19.39
C THR A 156 11.50 1.34 -19.90
N TYR A 157 12.74 1.37 -20.43
CA TYR A 157 13.46 2.62 -20.84
C TYR A 157 12.83 3.26 -22.08
N VAL A 158 12.39 2.41 -23.01
CA VAL A 158 12.03 2.87 -24.34
C VAL A 158 10.58 3.34 -24.34
N SER A 159 9.67 2.56 -23.75
CA SER A 159 8.23 2.92 -23.74
C SER A 159 7.87 3.83 -22.55
N GLN A 160 8.80 3.92 -21.58
CA GLN A 160 8.67 4.73 -20.34
C GLN A 160 7.38 4.35 -19.63
N ARG A 161 7.24 3.05 -19.34
CA ARG A 161 6.12 2.52 -18.56
C ARG A 161 6.60 1.31 -17.78
N PRO A 162 5.90 0.98 -16.68
CA PRO A 162 6.27 -0.18 -15.86
C PRO A 162 6.39 -1.52 -16.60
N VAL A 163 7.22 -2.42 -16.07
CA VAL A 163 7.38 -3.78 -16.56
C VAL A 163 7.54 -4.72 -15.36
N TYR A 164 6.73 -5.79 -15.34
CA TYR A 164 6.74 -6.83 -14.28
C TYR A 164 7.71 -7.91 -14.74
N LEU A 165 8.62 -8.32 -13.84
CA LEU A 165 9.60 -9.36 -14.13
C LEU A 165 9.74 -10.25 -12.89
N GLY A 166 9.15 -11.45 -12.98
CA GLY A 166 9.19 -12.40 -11.91
C GLY A 166 10.43 -13.26 -12.03
N LEU A 167 11.19 -13.35 -10.94
CA LEU A 167 12.35 -14.20 -10.86
C LEU A 167 12.10 -15.19 -9.75
N PRO A 168 11.83 -16.46 -10.11
CA PRO A 168 11.80 -17.55 -9.14
C PRO A 168 13.15 -17.72 -8.45
N ALA A 169 13.10 -18.01 -7.13
CA ALA A 169 14.27 -18.02 -6.25
C ALA A 169 15.37 -18.95 -6.81
N ASN A 170 14.94 -20.07 -7.38
CA ASN A 170 15.81 -21.12 -7.86
C ASN A 170 16.58 -20.68 -9.12
N LEU A 171 16.19 -19.56 -9.74
CA LEU A 171 16.77 -19.13 -11.02
C LEU A 171 17.75 -17.98 -10.83
N VAL A 172 17.73 -17.32 -9.67
CA VAL A 172 18.60 -16.16 -9.47
C VAL A 172 19.98 -16.66 -9.02
N ASP A 173 20.09 -17.97 -8.76
CA ASP A 173 21.33 -18.62 -8.28
C ASP A 173 21.96 -19.47 -9.40
N LEU A 174 21.16 -19.80 -10.43
CA LEU A 174 21.66 -20.40 -11.66
C LEU A 174 22.48 -19.35 -12.42
N THR A 175 23.40 -19.83 -13.28
CA THR A 175 24.51 -19.02 -13.81
C THR A 175 24.42 -18.91 -15.33
N VAL A 176 25.04 -17.85 -15.86
CA VAL A 176 25.17 -17.61 -17.28
C VAL A 176 26.58 -17.14 -17.57
N PRO A 177 26.96 -16.98 -18.86
CA PRO A 177 28.23 -16.37 -19.21
C PRO A 177 28.24 -14.84 -18.97
N ALA A 178 29.24 -14.37 -18.22
CA ALA A 178 29.47 -12.96 -18.04
C ALA A 178 29.77 -12.29 -19.38
N SER A 179 30.35 -13.04 -20.33
CA SER A 179 30.62 -12.59 -21.71
C SER A 179 29.43 -11.79 -22.26
N LEU A 180 28.22 -12.17 -21.85
CA LEU A 180 26.96 -11.60 -22.38
C LEU A 180 26.88 -10.09 -22.12
N LEU A 181 27.45 -9.65 -20.99
CA LEU A 181 27.39 -8.27 -20.55
C LEU A 181 28.21 -7.37 -21.49
N ASP A 182 29.16 -7.97 -22.23
CA ASP A 182 30.07 -7.18 -23.06
C ASP A 182 29.36 -6.68 -24.32
N THR A 183 28.10 -7.09 -24.53
CA THR A 183 27.26 -6.47 -25.57
C THR A 183 26.13 -5.70 -24.91
N PRO A 184 25.94 -4.39 -25.21
CA PRO A 184 25.03 -3.54 -24.44
C PRO A 184 23.59 -3.95 -24.76
N ILE A 185 22.65 -3.59 -23.87
CA ILE A 185 21.24 -3.66 -24.20
C ILE A 185 20.98 -2.60 -25.28
N ASP A 186 20.29 -2.99 -26.34
CA ASP A 186 20.01 -2.10 -27.43
C ASP A 186 18.77 -1.28 -27.11
N LEU A 187 18.94 0.03 -26.87
CA LEU A 187 17.85 0.95 -26.42
C LEU A 187 17.46 1.93 -27.51
N SER A 188 17.92 1.69 -28.74
CA SER A 188 17.71 2.57 -29.85
C SER A 188 16.24 2.51 -30.27
N LEU A 189 15.73 3.61 -30.82
CA LEU A 189 14.40 3.62 -31.44
C LEU A 189 14.50 3.14 -32.91
N LYS A 190 13.52 2.33 -33.35
CA LYS A 190 13.37 1.96 -34.78
C LYS A 190 13.09 3.26 -35.54
N PRO A 191 13.72 3.52 -36.70
CA PRO A 191 13.46 4.76 -37.43
C PRO A 191 12.00 4.69 -37.91
N ASN A 192 11.43 5.86 -38.21
CA ASN A 192 10.03 5.99 -38.56
C ASN A 192 9.76 5.43 -39.94
N ASP A 193 8.48 5.18 -40.23
CA ASP A 193 8.05 4.87 -41.57
C ASP A 193 8.15 6.15 -42.39
N PRO A 194 8.98 6.21 -43.47
CA PRO A 194 9.08 7.39 -44.31
C PRO A 194 7.76 7.86 -44.96
N GLU A 195 6.82 6.93 -45.20
CA GLU A 195 5.55 7.26 -45.87
C GLU A 195 4.64 8.04 -44.91
N ALA A 196 4.56 7.56 -43.66
CA ALA A 196 3.70 8.18 -42.62
C ALA A 196 4.35 9.48 -42.08
N GLU A 197 5.67 9.45 -41.82
CA GLU A 197 6.41 10.64 -41.39
C GLU A 197 6.18 11.76 -42.42
N GLU A 198 6.66 11.53 -43.65
CA GLU A 198 6.42 12.35 -44.86
C GLU A 198 5.03 13.00 -44.78
N GLU A 199 4.01 12.16 -44.58
CA GLU A 199 2.62 12.55 -44.70
C GLU A 199 2.16 13.31 -43.47
N VAL A 200 2.71 12.97 -42.30
CA VAL A 200 2.44 13.71 -41.05
C VAL A 200 2.96 15.14 -41.21
N ILE A 201 4.26 15.25 -41.51
CA ILE A 201 4.93 16.53 -41.64
C ILE A 201 4.12 17.46 -42.54
N GLU A 202 3.71 16.96 -43.72
CA GLU A 202 3.15 17.84 -44.74
C GLU A 202 1.74 18.26 -44.31
N ASN A 203 1.05 17.41 -43.54
CA ASN A 203 -0.24 17.77 -42.96
C ASN A 203 -0.01 18.87 -41.90
N VAL A 204 1.08 18.73 -41.12
CA VAL A 204 1.34 19.65 -39.99
C VAL A 204 1.73 21.04 -40.52
N LEU A 205 2.61 21.08 -41.53
CA LEU A 205 3.04 22.34 -42.20
C LEU A 205 1.83 23.09 -42.79
N GLN A 206 0.96 22.39 -43.51
CA GLN A 206 -0.20 23.02 -44.11
C GLN A 206 -1.14 23.54 -43.03
N LEU A 207 -1.07 22.99 -41.81
CA LEU A 207 -1.92 23.45 -40.70
C LEU A 207 -1.34 24.73 -40.10
N ILE A 208 -0.01 24.77 -40.01
CA ILE A 208 0.69 25.94 -39.54
C ILE A 208 0.39 27.10 -40.52
N LYS A 209 0.78 26.92 -41.79
CA LYS A 209 0.56 27.85 -42.90
C LYS A 209 -0.83 28.50 -42.84
N GLU A 210 -1.87 27.72 -42.52
CA GLU A 210 -3.25 28.21 -42.58
C GLU A 210 -3.69 28.86 -41.26
N ALA A 211 -2.81 28.91 -40.25
CA ALA A 211 -3.19 29.27 -38.87
C ALA A 211 -2.89 30.75 -38.59
N LYS A 212 -3.88 31.47 -38.05
CA LYS A 212 -3.72 32.91 -37.75
C LYS A 212 -3.15 33.11 -36.32
N ASN A 213 -3.53 32.24 -35.38
CA ASN A 213 -3.16 32.40 -33.97
C ASN A 213 -2.83 31.04 -33.34
N PRO A 214 -1.66 30.45 -33.65
CA PRO A 214 -1.23 29.18 -33.04
C PRO A 214 -0.56 29.30 -31.66
N VAL A 215 -0.54 28.19 -30.93
CA VAL A 215 0.21 28.06 -29.64
C VAL A 215 0.88 26.67 -29.58
N ILE A 216 1.93 26.60 -28.77
CA ILE A 216 2.67 25.39 -28.55
C ILE A 216 2.49 25.04 -27.08
N LEU A 217 2.53 23.74 -26.78
CA LEU A 217 2.14 23.30 -25.50
C LEU A 217 2.80 21.97 -25.21
N ALA A 218 3.60 21.97 -24.13
CA ALA A 218 4.46 20.86 -23.76
C ALA A 218 3.90 20.21 -22.50
N ASP A 219 3.99 18.89 -22.45
CA ASP A 219 3.40 18.06 -21.42
C ASP A 219 4.44 17.01 -21.00
N ALA A 220 4.02 16.08 -20.13
CA ALA A 220 4.91 15.15 -19.41
C ALA A 220 5.87 14.42 -20.34
N CYS A 221 5.34 13.81 -21.41
CA CYS A 221 6.18 13.00 -22.28
C CYS A 221 7.24 13.79 -23.04
N CYS A 222 7.13 15.13 -23.07
CA CYS A 222 8.14 15.97 -23.69
C CYS A 222 9.53 15.73 -23.10
N SER A 223 9.62 15.81 -21.76
CA SER A 223 10.81 15.48 -20.97
C SER A 223 11.09 13.99 -21.09
N ARG A 224 10.07 13.20 -20.74
CA ARG A 224 10.20 11.76 -20.49
C ARG A 224 10.88 11.10 -21.69
N HIS A 225 10.51 11.52 -22.91
CA HIS A 225 10.99 10.89 -24.11
C HIS A 225 12.04 11.77 -24.80
N ASP A 226 12.71 12.60 -24.00
CA ASP A 226 13.92 13.36 -24.37
C ASP A 226 13.69 14.23 -25.62
N ALA A 227 12.72 15.14 -25.56
CA ALA A 227 12.48 16.07 -26.69
C ALA A 227 12.40 17.53 -26.21
N LYS A 228 13.28 17.92 -25.28
CA LYS A 228 13.32 19.29 -24.70
C LYS A 228 13.93 20.24 -25.73
N ALA A 229 14.99 19.75 -26.38
CA ALA A 229 15.80 20.50 -27.34
C ALA A 229 14.99 20.76 -28.62
N GLU A 230 14.36 19.68 -29.10
CA GLU A 230 13.51 19.68 -30.26
C GLU A 230 12.29 20.57 -30.01
N THR A 231 11.79 20.56 -28.78
CA THR A 231 10.66 21.43 -28.45
C THR A 231 11.10 22.91 -28.37
N LYS A 232 12.28 23.18 -27.77
CA LYS A 232 12.86 24.55 -27.71
C LYS A 232 13.08 25.08 -29.14
N LYS A 233 13.64 24.22 -30.01
CA LYS A 233 13.88 24.57 -31.41
C LYS A 233 12.54 24.96 -32.07
N LEU A 234 11.51 24.15 -31.90
CA LEU A 234 10.20 24.48 -32.51
C LEU A 234 9.73 25.89 -32.10
N ILE A 235 9.91 26.21 -30.80
CA ILE A 235 9.51 27.48 -30.20
C ILE A 235 10.35 28.58 -30.87
N ASP A 236 11.64 28.28 -30.99
CA ASP A 236 12.63 29.17 -31.56
C ASP A 236 12.29 29.48 -33.02
N LEU A 237 12.05 28.43 -33.82
CA LEU A 237 11.92 28.55 -35.30
C LEU A 237 10.56 29.13 -35.70
N THR A 238 9.56 28.98 -34.83
CA THR A 238 8.25 29.49 -35.09
C THR A 238 8.06 30.83 -34.42
N GLN A 239 8.65 31.02 -33.23
CA GLN A 239 8.35 32.16 -32.34
C GLN A 239 6.89 32.12 -31.89
N PHE A 240 6.29 30.93 -31.89
CA PHE A 240 4.94 30.79 -31.41
C PHE A 240 4.96 30.89 -29.89
N PRO A 241 3.85 31.35 -29.30
CA PRO A 241 3.70 31.37 -27.84
C PRO A 241 3.67 29.93 -27.30
N ALA A 242 4.45 29.67 -26.25
CA ALA A 242 4.68 28.31 -25.78
C ALA A 242 4.21 28.22 -24.31
N PHE A 243 3.60 27.07 -23.98
CA PHE A 243 3.00 26.87 -22.68
C PHE A 243 3.39 25.48 -22.15
N VAL A 244 3.36 25.31 -20.83
CA VAL A 244 3.49 23.99 -20.23
C VAL A 244 2.20 23.67 -19.48
N THR A 245 1.88 22.39 -19.44
CA THR A 245 0.91 21.84 -18.55
C THR A 245 1.59 21.70 -17.20
N PRO A 246 0.84 21.55 -16.08
CA PRO A 246 1.47 21.44 -14.77
C PRO A 246 2.46 20.28 -14.63
N MET A 247 2.41 19.31 -15.56
CA MET A 247 3.05 18.02 -15.43
C MET A 247 4.23 17.85 -16.39
N GLY A 248 4.44 18.87 -17.22
CA GLY A 248 5.67 19.07 -17.93
C GLY A 248 6.22 20.46 -17.65
N LYS A 249 5.92 20.97 -16.45
CA LYS A 249 6.58 22.15 -15.91
C LYS A 249 8.08 21.84 -15.78
N GLY A 250 8.89 22.64 -16.49
CA GLY A 250 10.30 22.43 -16.62
C GLY A 250 10.72 21.93 -18.01
N SER A 251 9.76 21.63 -18.89
CA SER A 251 10.05 21.05 -20.21
C SER A 251 10.39 22.14 -21.22
N ILE A 252 10.00 23.37 -20.87
CA ILE A 252 10.45 24.55 -21.54
C ILE A 252 11.18 25.38 -20.47
N ASP A 253 12.44 25.72 -20.77
CA ASP A 253 13.20 26.70 -19.98
C ASP A 253 12.42 28.02 -20.01
N GLU A 254 12.03 28.49 -18.83
CA GLU A 254 10.95 29.46 -18.69
C GLU A 254 11.46 30.91 -18.82
N LYS A 255 12.77 31.07 -18.95
CA LYS A 255 13.36 32.39 -19.15
C LYS A 255 13.22 32.79 -20.63
N HIS A 256 12.82 31.83 -21.49
CA HIS A 256 12.51 32.05 -22.91
C HIS A 256 11.47 33.15 -23.06
N PRO A 257 11.73 34.17 -23.91
CA PRO A 257 10.78 35.26 -24.11
C PRO A 257 9.43 34.87 -24.69
N ARG A 258 9.35 33.73 -25.38
CA ARG A 258 8.11 33.28 -26.02
C ARG A 258 7.28 32.38 -25.09
N PHE A 259 7.83 32.01 -23.93
CA PHE A 259 7.12 31.15 -22.96
C PHE A 259 6.11 31.95 -22.13
N GLY A 260 4.87 31.48 -22.09
CA GLY A 260 3.71 32.26 -21.59
C GLY A 260 3.10 31.70 -20.32
N GLY A 261 3.80 30.75 -19.70
CA GLY A 261 3.39 30.22 -18.40
C GLY A 261 2.63 28.92 -18.55
N VAL A 262 1.89 28.56 -17.50
CA VAL A 262 1.34 27.20 -17.44
C VAL A 262 -0.17 27.21 -17.72
N TYR A 263 -0.61 26.35 -18.63
CA TYR A 263 -2.03 26.16 -18.91
C TYR A 263 -2.57 25.13 -17.91
N VAL A 264 -3.64 25.49 -17.18
CA VAL A 264 -4.29 24.61 -16.23
C VAL A 264 -5.79 24.67 -16.48
N GLY A 265 -6.16 24.53 -17.75
CA GLY A 265 -7.54 24.71 -18.16
C GLY A 265 -8.21 25.86 -17.42
N THR A 266 -9.24 25.52 -16.65
CA THR A 266 -10.12 26.50 -16.07
C THR A 266 -9.43 27.26 -14.93
N LEU A 267 -8.34 26.72 -14.38
CA LEU A 267 -7.65 27.39 -13.25
C LEU A 267 -6.60 28.38 -13.76
N SER A 268 -6.29 28.30 -15.06
CA SER A 268 -5.38 29.21 -15.70
C SER A 268 -5.72 30.64 -15.31
N SER A 269 -4.70 31.49 -15.35
CA SER A 269 -4.87 32.93 -15.21
C SER A 269 -5.61 33.45 -16.43
N PRO A 270 -6.57 34.38 -16.25
CA PRO A 270 -7.33 34.95 -17.35
C PRO A 270 -6.57 35.15 -18.67
N ALA A 271 -5.37 35.72 -18.58
CA ALA A 271 -4.54 36.01 -19.75
C ALA A 271 -4.17 34.72 -20.48
N VAL A 272 -3.81 33.68 -19.72
CA VAL A 272 -3.26 32.43 -20.26
C VAL A 272 -4.43 31.58 -20.77
N LYS A 273 -5.50 31.59 -20.00
CA LYS A 273 -6.74 30.93 -20.39
C LYS A 273 -7.15 31.41 -21.78
N GLU A 274 -6.98 32.70 -22.06
CA GLU A 274 -7.40 33.28 -23.32
C GLU A 274 -6.31 33.01 -24.38
N ALA A 275 -5.05 33.07 -23.97
CA ALA A 275 -3.97 32.87 -24.90
C ALA A 275 -4.12 31.49 -25.55
N VAL A 276 -4.50 30.51 -24.73
CA VAL A 276 -4.60 29.13 -25.15
C VAL A 276 -5.98 28.87 -25.76
N GLU A 277 -7.05 29.35 -25.13
CA GLU A 277 -8.37 28.93 -25.58
C GLU A 277 -8.75 29.60 -26.92
N SER A 278 -8.10 30.71 -27.27
CA SER A 278 -8.37 31.40 -28.52
C SER A 278 -7.53 30.82 -29.66
N ALA A 279 -6.58 29.94 -29.35
CA ALA A 279 -5.69 29.40 -30.35
C ALA A 279 -6.49 28.64 -31.40
N ASP A 280 -6.18 28.86 -32.68
CA ASP A 280 -6.81 28.17 -33.82
C ASP A 280 -5.96 26.96 -34.25
N LEU A 281 -4.85 26.71 -33.54
CA LEU A 281 -4.04 25.51 -33.74
C LEU A 281 -3.16 25.29 -32.49
N VAL A 282 -3.11 24.05 -32.00
CA VAL A 282 -2.36 23.76 -30.80
C VAL A 282 -1.33 22.68 -31.15
N LEU A 283 -0.07 22.93 -30.81
CA LEU A 283 0.97 21.97 -31.01
C LEU A 283 1.36 21.35 -29.67
N SER A 284 0.70 20.24 -29.32
CA SER A 284 0.95 19.50 -28.08
C SER A 284 2.19 18.62 -28.29
N VAL A 285 3.28 18.86 -27.54
CA VAL A 285 4.37 17.88 -27.48
C VAL A 285 4.24 17.05 -26.20
N GLY A 286 4.15 15.73 -26.41
CA GLY A 286 4.12 14.70 -25.37
C GLY A 286 2.86 14.79 -24.55
N ALA A 287 1.74 15.11 -25.20
CA ALA A 287 0.47 15.27 -24.48
C ALA A 287 0.18 14.00 -23.71
N LEU A 288 -0.34 14.18 -22.50
CA LEU A 288 -0.66 13.10 -21.58
C LEU A 288 -2.17 13.08 -21.40
N LEU A 289 -2.89 12.86 -22.53
CA LEU A 289 -4.36 13.04 -22.78
C LEU A 289 -4.88 14.43 -22.35
N SER A 290 -5.88 14.92 -23.09
CA SER A 290 -6.59 16.19 -22.82
C SER A 290 -8.07 15.90 -22.50
N ASP A 291 -8.88 16.96 -22.37
CA ASP A 291 -10.35 16.87 -22.19
C ASP A 291 -10.72 16.15 -20.87
N PHE A 292 -9.75 16.06 -19.94
CA PHE A 292 -9.85 15.31 -18.67
C PHE A 292 -10.22 16.25 -17.51
N ASN A 293 -10.85 15.68 -16.47
CA ASN A 293 -11.36 16.43 -15.29
C ASN A 293 -10.66 15.95 -14.01
N THR A 294 -10.60 16.86 -13.03
CA THR A 294 -10.32 16.59 -11.60
C THR A 294 -11.51 17.16 -10.82
N GLY A 295 -11.57 16.91 -9.51
CA GLY A 295 -12.59 17.50 -8.62
C GLY A 295 -12.39 18.99 -8.37
N SER A 296 -11.32 19.57 -8.95
CA SER A 296 -10.96 20.97 -8.77
C SER A 296 -10.83 21.73 -10.12
N PHE A 297 -10.43 21.05 -11.22
CA PHE A 297 -10.24 21.73 -12.56
C PHE A 297 -10.63 20.85 -13.76
N SER A 298 -10.91 21.54 -14.87
CA SER A 298 -11.30 20.98 -16.15
C SER A 298 -10.32 21.47 -17.23
N TYR A 299 -9.66 20.49 -17.87
CA TYR A 299 -8.59 20.72 -18.85
C TYR A 299 -9.06 20.26 -20.23
N SER A 300 -8.92 21.13 -21.23
CA SER A 300 -9.20 20.82 -22.64
C SER A 300 -8.99 22.11 -23.45
N TYR A 301 -9.02 22.01 -24.77
CA TYR A 301 -8.95 23.19 -25.62
C TYR A 301 -10.25 23.37 -26.41
N LYS A 302 -10.41 24.59 -26.96
CA LYS A 302 -11.62 24.97 -27.68
C LYS A 302 -11.48 24.51 -29.15
N THR A 303 -10.39 24.87 -29.82
CA THR A 303 -10.13 24.41 -31.21
C THR A 303 -10.15 22.88 -31.27
N LYS A 304 -10.49 22.35 -32.45
CA LYS A 304 -10.39 20.91 -32.72
C LYS A 304 -9.14 20.69 -33.56
N ASN A 305 -8.41 21.79 -33.80
CA ASN A 305 -7.31 21.90 -34.74
C ASN A 305 -5.99 21.58 -34.00
N ILE A 306 -5.89 20.36 -33.47
CA ILE A 306 -4.87 19.97 -32.48
C ILE A 306 -3.94 18.93 -33.09
N VAL A 307 -2.63 19.08 -32.83
CA VAL A 307 -1.61 18.15 -33.28
C VAL A 307 -0.86 17.61 -32.06
N GLU A 308 -1.13 16.37 -31.65
CA GLU A 308 -0.44 15.79 -30.53
C GLU A 308 0.72 14.96 -31.06
N PHE A 309 1.95 15.30 -30.67
CA PHE A 309 3.10 14.41 -30.84
C PHE A 309 3.15 13.50 -29.61
N HIS A 310 3.32 12.20 -29.82
CA HIS A 310 3.56 11.26 -28.75
C HIS A 310 4.77 10.41 -29.16
N SER A 311 5.23 9.56 -28.24
CA SER A 311 6.38 8.71 -28.45
C SER A 311 6.07 7.68 -29.53
N ASP A 312 4.93 7.02 -29.38
CA ASP A 312 4.42 5.94 -30.22
C ASP A 312 3.96 6.42 -31.62
N TYR A 313 3.33 7.60 -31.68
CA TYR A 313 2.47 7.98 -32.79
C TYR A 313 2.18 9.48 -32.79
N THR A 314 1.52 9.95 -33.84
CA THR A 314 1.19 11.36 -33.96
C THR A 314 -0.32 11.45 -34.24
N LYS A 315 -0.94 12.54 -33.83
CA LYS A 315 -2.38 12.71 -33.93
C LYS A 315 -2.66 14.10 -34.51
N ILE A 316 -3.58 14.17 -35.49
CA ILE A 316 -3.89 15.42 -36.16
C ILE A 316 -5.40 15.55 -36.37
N ARG A 317 -6.04 16.43 -35.60
CA ARG A 317 -7.47 16.40 -35.54
C ARG A 317 -7.76 14.98 -35.08
N SER A 318 -8.61 14.21 -35.79
CA SER A 318 -9.02 12.84 -35.39
C SER A 318 -8.08 11.77 -35.97
N ALA A 319 -7.30 12.14 -37.01
CA ALA A 319 -6.35 11.23 -37.62
C ALA A 319 -5.29 10.77 -36.60
N THR A 320 -4.89 9.50 -36.70
CA THR A 320 -3.86 8.87 -35.88
C THR A 320 -2.82 8.28 -36.83
N PHE A 321 -1.51 8.39 -36.52
CA PHE A 321 -0.44 7.89 -37.43
C PHE A 321 0.50 7.00 -36.64
N PRO A 322 0.19 5.70 -36.49
CA PRO A 322 1.00 4.81 -35.65
C PRO A 322 2.46 4.71 -36.13
N GLY A 323 3.39 4.65 -35.16
CA GLY A 323 4.84 4.51 -35.39
C GLY A 323 5.44 5.73 -36.09
N VAL A 324 4.85 6.88 -35.80
CA VAL A 324 5.43 8.16 -36.16
C VAL A 324 5.83 8.83 -34.86
N GLN A 325 7.13 8.76 -34.58
CA GLN A 325 7.70 8.86 -33.24
C GLN A 325 8.10 10.31 -32.95
N MET A 326 7.56 10.83 -31.85
CA MET A 326 7.81 12.18 -31.35
C MET A 326 9.18 12.71 -31.80
N LYS A 327 10.25 12.05 -31.38
CA LYS A 327 11.55 12.67 -31.45
C LYS A 327 11.89 12.95 -32.92
N PHE A 328 11.98 11.88 -33.72
CA PHE A 328 12.35 11.95 -35.15
C PHE A 328 11.39 12.87 -35.93
N ALA A 329 10.08 12.73 -35.70
CA ALA A 329 9.04 13.57 -36.32
C ALA A 329 9.32 15.06 -36.10
N LEU A 330 9.63 15.43 -34.86
CA LEU A 330 10.00 16.83 -34.49
C LEU A 330 11.29 17.28 -35.19
N GLN A 331 12.33 16.43 -35.14
CA GLN A 331 13.57 16.66 -35.85
C GLN A 331 13.29 16.96 -37.33
N LYS A 332 12.44 16.15 -37.99
CA LYS A 332 12.16 16.32 -39.42
C LYS A 332 11.38 17.61 -39.65
N LEU A 333 10.40 17.89 -38.79
CA LEU A 333 9.61 19.09 -38.91
C LEU A 333 10.50 20.34 -38.86
N LEU A 334 11.60 20.28 -38.11
CA LEU A 334 12.42 21.47 -37.82
C LEU A 334 13.16 21.94 -39.08
N THR A 335 13.09 21.15 -40.15
CA THR A 335 13.71 21.50 -41.42
C THR A 335 12.76 22.43 -42.19
N LYS A 336 11.49 22.10 -42.32
CA LYS A 336 10.61 22.91 -43.17
C LYS A 336 9.89 24.00 -42.38
N VAL A 337 9.99 23.98 -41.04
CA VAL A 337 8.92 24.62 -40.18
C VAL A 337 9.06 26.15 -40.11
N ALA A 338 10.30 26.67 -40.06
CA ALA A 338 10.55 28.12 -40.11
C ALA A 338 9.77 28.71 -41.29
N ASP A 339 9.88 28.02 -42.43
CA ASP A 339 9.32 28.49 -43.66
C ASP A 339 7.79 28.47 -43.61
N ALA A 340 7.20 27.43 -43.02
CA ALA A 340 5.73 27.36 -42.92
C ALA A 340 5.24 28.44 -41.96
N ALA A 341 6.11 28.86 -41.04
CA ALA A 341 5.83 29.86 -39.97
C ALA A 341 5.92 31.29 -40.50
N LYS A 342 6.91 31.53 -41.38
CA LYS A 342 6.96 32.65 -42.32
C LYS A 342 6.06 33.80 -41.85
N GLY A 343 4.75 33.71 -42.13
CA GLY A 343 3.85 34.83 -41.99
C GLY A 343 3.20 34.93 -40.61
N TYR A 344 3.87 34.46 -39.55
CA TYR A 344 3.42 34.70 -38.17
C TYR A 344 3.98 36.03 -37.62
N LYS A 345 3.10 36.80 -36.96
CA LYS A 345 3.43 38.10 -36.35
C LYS A 345 3.51 37.97 -34.82
N PRO A 346 4.72 37.74 -34.24
CA PRO A 346 4.86 37.63 -32.79
C PRO A 346 4.07 38.68 -31.97
N VAL A 347 2.86 38.26 -31.59
CA VAL A 347 2.11 38.85 -30.46
C VAL A 347 3.00 38.73 -29.22
N PRO A 348 3.11 39.78 -28.37
CA PRO A 348 3.59 39.56 -26.99
C PRO A 348 2.64 38.62 -26.22
N VAL A 349 3.11 38.02 -25.12
CA VAL A 349 2.42 36.90 -24.41
C VAL A 349 2.30 37.20 -22.91
N PRO A 350 1.54 36.38 -22.13
CA PRO A 350 1.35 36.64 -20.70
C PRO A 350 2.61 36.40 -19.83
N SER A 351 2.76 37.19 -18.76
CA SER A 351 3.76 36.94 -17.71
C SER A 351 3.15 37.11 -16.31
N GLU A 352 3.42 36.15 -15.42
CA GLU A 352 3.14 36.33 -13.99
C GLU A 352 4.05 37.44 -13.46
N PRO A 353 3.79 38.03 -12.26
CA PRO A 353 4.76 38.94 -11.63
C PRO A 353 5.96 38.15 -11.11
N GLU A 354 7.18 38.66 -11.39
CA GLU A 354 8.41 37.93 -11.07
C GLU A 354 8.66 38.03 -9.57
N HIS A 355 8.13 39.10 -8.96
CA HIS A 355 8.46 39.55 -7.63
C HIS A 355 7.19 39.92 -6.87
N ASN A 356 7.27 39.77 -5.54
CA ASN A 356 6.28 40.25 -4.60
C ASN A 356 6.69 41.66 -4.14
N GLU A 357 5.74 42.58 -4.04
CA GLU A 357 6.06 43.84 -3.44
C GLU A 357 6.36 43.62 -1.95
N ALA A 358 7.26 44.45 -1.42
CA ALA A 358 7.74 44.28 -0.05
C ALA A 358 6.63 44.67 0.91
N VAL A 359 6.64 44.03 2.08
CA VAL A 359 5.66 44.22 3.08
C VAL A 359 6.38 44.08 4.43
N ALA A 360 5.64 44.37 5.51
CA ALA A 360 6.18 44.28 6.84
C ALA A 360 6.57 42.83 7.12
N ASP A 361 7.58 42.65 7.97
CA ASP A 361 8.13 41.33 8.20
C ASP A 361 7.21 40.53 9.13
N SER A 362 6.24 41.19 9.75
CA SER A 362 5.30 40.56 10.63
C SER A 362 4.09 40.04 9.83
N THR A 363 4.04 40.36 8.54
CA THR A 363 2.94 39.99 7.68
C THR A 363 2.72 38.49 7.73
N PRO A 364 1.49 38.03 8.07
CA PRO A 364 1.10 36.62 7.94
C PRO A 364 1.34 35.99 6.55
N LEU A 365 1.86 34.75 6.53
CA LEU A 365 2.12 34.03 5.30
C LEU A 365 0.79 33.65 4.65
N LYS A 366 0.67 33.92 3.35
CA LYS A 366 -0.47 33.47 2.54
C LYS A 366 0.06 32.76 1.29
N GLN A 367 -0.75 31.84 0.72
CA GLN A 367 -0.30 30.91 -0.33
C GLN A 367 0.07 31.66 -1.61
N GLU A 368 -0.80 32.59 -2.04
CA GLU A 368 -0.56 33.49 -3.17
C GLU A 368 0.81 34.14 -3.04
N TRP A 369 1.18 34.61 -1.84
CA TRP A 369 2.50 35.25 -1.61
C TRP A 369 3.66 34.26 -1.75
N VAL A 370 3.48 33.09 -1.12
CA VAL A 370 4.52 32.05 -0.99
C VAL A 370 4.91 31.53 -2.39
N TRP A 371 3.89 31.30 -3.23
CA TRP A 371 4.12 30.65 -4.49
C TRP A 371 4.98 31.54 -5.39
N THR A 372 4.96 32.85 -5.12
CA THR A 372 5.78 33.78 -5.84
C THR A 372 7.18 33.81 -5.23
N GLN A 373 7.23 34.09 -3.94
CA GLN A 373 8.48 34.22 -3.22
C GLN A 373 9.39 33.01 -3.46
N VAL A 374 8.81 31.85 -3.84
CA VAL A 374 9.65 30.66 -4.06
C VAL A 374 10.48 30.88 -5.34
N GLY A 375 9.95 31.65 -6.29
CA GLY A 375 10.68 32.07 -7.49
C GLY A 375 12.08 32.60 -7.18
N GLU A 376 12.23 33.19 -5.99
CA GLU A 376 13.46 33.87 -5.55
C GLU A 376 14.45 32.86 -4.96
N PHE A 377 13.93 31.77 -4.39
CA PHE A 377 14.77 30.80 -3.70
C PHE A 377 15.42 29.83 -4.69
N LEU A 378 14.73 29.54 -5.79
CA LEU A 378 15.14 28.48 -6.74
C LEU A 378 16.42 28.90 -7.45
N ARG A 379 17.27 27.90 -7.74
CA ARG A 379 18.44 28.07 -8.59
C ARG A 379 18.34 27.04 -9.72
N GLU A 380 19.09 27.28 -10.81
CA GLU A 380 19.13 26.38 -11.98
C GLU A 380 19.68 25.03 -11.53
N GLY A 381 19.12 23.97 -12.10
CA GLY A 381 19.50 22.60 -11.75
C GLY A 381 18.61 22.01 -10.66
N ASP A 382 17.72 22.81 -10.04
CA ASP A 382 16.96 22.37 -8.87
C ASP A 382 15.86 21.41 -9.29
N VAL A 383 15.54 20.47 -8.40
CA VAL A 383 14.36 19.60 -8.53
C VAL A 383 13.29 20.09 -7.55
N VAL A 384 12.10 20.39 -8.09
CA VAL A 384 10.96 20.89 -7.33
C VAL A 384 9.81 19.90 -7.46
N ILE A 385 9.32 19.43 -6.30
CA ILE A 385 8.32 18.41 -6.19
C ILE A 385 7.14 18.96 -5.41
N THR A 386 5.92 18.81 -5.93
CA THR A 386 4.76 19.38 -5.29
C THR A 386 3.62 18.39 -5.26
N GLU A 387 2.91 18.37 -4.13
CA GLU A 387 1.91 17.34 -3.86
C GLU A 387 0.58 17.82 -4.42
N THR A 388 -0.24 16.88 -4.88
CA THR A 388 -1.64 17.12 -5.18
C THR A 388 -2.27 17.73 -3.92
N GLY A 389 -2.92 18.88 -4.13
CA GLY A 389 -3.27 19.73 -3.01
C GLY A 389 -3.34 21.18 -3.44
N THR A 390 -3.11 22.09 -2.49
CA THR A 390 -2.94 23.52 -2.78
C THR A 390 -1.56 23.75 -3.42
N SER A 391 -0.58 22.89 -3.12
CA SER A 391 0.77 22.97 -3.69
C SER A 391 0.75 22.81 -5.21
N ALA A 392 -0.01 21.81 -5.70
CA ALA A 392 0.00 21.32 -7.10
C ALA A 392 -0.58 22.36 -8.08
N PHE A 393 -1.21 23.40 -7.50
CA PHE A 393 -1.87 24.47 -8.23
C PHE A 393 -1.18 25.81 -7.96
N GLY A 394 -0.30 25.83 -6.95
CA GLY A 394 0.38 27.03 -6.51
C GLY A 394 1.70 27.19 -7.21
N ILE A 395 2.44 26.10 -7.32
CA ILE A 395 3.70 26.11 -8.00
C ILE A 395 3.53 26.43 -9.48
N ASN A 396 2.31 26.40 -9.99
CA ASN A 396 2.02 26.72 -11.39
C ASN A 396 2.28 28.20 -11.70
N GLN A 397 2.34 29.07 -10.69
CA GLN A 397 2.62 30.50 -10.95
C GLN A 397 4.06 30.89 -10.54
N THR A 398 4.90 29.93 -10.15
CA THR A 398 6.26 30.21 -9.77
C THR A 398 7.11 30.25 -11.04
N HIS A 399 7.93 31.29 -11.15
CA HIS A 399 8.97 31.43 -12.15
C HIS A 399 10.10 30.44 -11.81
N PHE A 400 10.32 29.45 -12.68
CA PHE A 400 11.41 28.48 -12.55
C PHE A 400 12.66 28.99 -13.28
N PRO A 401 13.86 29.00 -12.65
CA PRO A 401 15.09 29.10 -13.43
C PRO A 401 15.13 28.08 -14.58
N ASN A 402 16.13 28.21 -15.45
CA ASN A 402 16.34 27.27 -16.53
C ASN A 402 16.92 25.98 -15.93
N ASN A 403 16.80 24.88 -16.67
CA ASN A 403 17.17 23.54 -16.24
C ASN A 403 16.64 23.24 -14.82
N THR A 404 15.32 23.26 -14.65
CA THR A 404 14.65 22.91 -13.40
C THR A 404 13.64 21.79 -13.65
N TYR A 405 13.81 20.61 -13.01
CA TYR A 405 12.86 19.50 -13.19
C TYR A 405 11.72 19.67 -12.18
N GLY A 406 10.47 19.53 -12.64
CA GLY A 406 9.28 19.49 -11.81
C GLY A 406 8.74 18.07 -11.67
N ILE A 407 8.33 17.72 -10.46
CA ILE A 407 7.56 16.53 -10.23
C ILE A 407 6.24 16.96 -9.60
N SER A 408 5.14 16.65 -10.30
CA SER A 408 3.80 16.97 -9.91
C SER A 408 2.86 15.93 -10.54
N GLN A 409 2.40 14.96 -9.73
CA GLN A 409 1.64 13.81 -10.26
C GLN A 409 0.16 14.16 -10.29
N VAL A 410 -0.18 15.01 -11.25
CA VAL A 410 -1.44 15.69 -11.31
C VAL A 410 -2.53 14.75 -11.85
N LEU A 411 -2.19 13.85 -12.79
CA LEU A 411 -3.17 13.00 -13.48
C LEU A 411 -3.62 11.84 -12.60
N TRP A 412 -2.67 11.11 -12.01
CA TRP A 412 -3.06 9.95 -11.21
C TRP A 412 -3.53 10.42 -9.82
N GLY A 413 -2.79 11.36 -9.22
CA GLY A 413 -3.22 12.10 -8.03
C GLY A 413 -3.18 11.27 -6.75
N SER A 414 -2.21 10.35 -6.66
CA SER A 414 -1.90 9.69 -5.42
C SER A 414 -1.42 10.74 -4.41
N ILE A 415 -2.05 10.84 -3.23
CA ILE A 415 -1.51 11.74 -2.21
C ILE A 415 -0.56 10.94 -1.33
N GLY A 416 0.50 11.65 -0.92
CA GLY A 416 1.60 11.07 -0.17
C GLY A 416 2.68 10.57 -1.11
N PHE A 417 2.36 10.60 -2.41
CA PHE A 417 3.25 10.18 -3.44
C PHE A 417 4.60 10.89 -3.28
N THR A 418 4.58 12.21 -3.08
CA THR A 418 5.78 13.07 -3.17
C THR A 418 6.78 12.78 -2.04
N THR A 419 6.37 12.15 -0.94
CA THR A 419 7.34 11.78 0.08
C THR A 419 8.28 10.71 -0.47
N GLY A 420 7.73 9.69 -1.11
CA GLY A 420 8.52 8.66 -1.70
C GLY A 420 9.26 9.20 -2.91
N ALA A 421 8.57 9.97 -3.74
CA ALA A 421 9.18 10.56 -4.91
C ALA A 421 10.42 11.38 -4.51
N THR A 422 10.34 12.07 -3.37
CA THR A 422 11.42 12.92 -2.90
C THR A 422 12.62 12.04 -2.51
N LEU A 423 12.38 10.86 -1.96
CA LEU A 423 13.49 9.95 -1.72
C LEU A 423 14.20 9.65 -3.04
N GLY A 424 13.44 9.22 -4.05
CA GLY A 424 14.00 8.75 -5.32
C GLY A 424 14.72 9.87 -6.06
N ALA A 425 14.11 11.05 -6.01
CA ALA A 425 14.65 12.22 -6.68
C ALA A 425 15.98 12.62 -6.02
N ALA A 426 16.05 12.44 -4.70
CA ALA A 426 17.23 12.77 -3.94
C ALA A 426 18.38 11.77 -4.19
N PHE A 427 18.05 10.49 -4.31
CA PHE A 427 19.06 9.50 -4.61
C PHE A 427 19.66 9.79 -6.00
N ALA A 428 18.79 10.04 -6.98
CA ALA A 428 19.23 10.32 -8.35
C ALA A 428 20.07 11.60 -8.39
N ALA A 429 19.59 12.68 -7.78
CA ALA A 429 20.34 13.92 -7.78
C ALA A 429 21.75 13.61 -7.24
N GLU A 430 21.81 12.97 -6.08
CA GLU A 430 23.10 12.63 -5.46
C GLU A 430 24.03 11.98 -6.51
N GLU A 431 23.47 11.04 -7.27
CA GLU A 431 24.18 10.27 -8.28
C GLU A 431 24.55 11.15 -9.47
N ILE A 432 23.70 12.12 -9.81
CA ILE A 432 23.96 13.00 -10.94
C ILE A 432 25.00 14.08 -10.59
N ASP A 433 24.88 14.71 -9.42
CA ASP A 433 25.57 15.97 -9.04
C ASP A 433 25.22 16.28 -7.59
N PRO A 434 26.17 16.20 -6.64
CA PRO A 434 25.82 16.27 -5.22
C PRO A 434 25.53 17.69 -4.71
N LYS A 435 25.58 18.68 -5.60
CA LYS A 435 25.23 20.06 -5.32
C LYS A 435 23.79 20.34 -5.80
N LYS A 436 23.07 19.29 -6.23
CA LYS A 436 21.74 19.45 -6.81
C LYS A 436 20.71 19.32 -5.70
N ARG A 437 19.97 20.42 -5.48
CA ARG A 437 18.95 20.54 -4.42
C ARG A 437 17.66 19.81 -4.86
N VAL A 438 17.00 19.18 -3.90
CA VAL A 438 15.67 18.58 -4.09
C VAL A 438 14.73 19.22 -3.05
N ILE A 439 13.79 20.01 -3.57
CA ILE A 439 12.86 20.81 -2.79
C ILE A 439 11.43 20.22 -2.95
N LEU A 440 10.83 19.82 -1.81
CA LEU A 440 9.48 19.26 -1.74
C LEU A 440 8.51 20.22 -1.04
N PHE A 441 7.33 20.44 -1.63
CA PHE A 441 6.22 21.17 -1.00
C PHE A 441 5.04 20.21 -0.77
N ILE A 442 4.79 19.85 0.48
CA ILE A 442 3.78 18.82 0.78
C ILE A 442 2.86 19.29 1.92
N GLY A 443 1.55 19.07 1.77
CA GLY A 443 0.63 19.47 2.80
C GLY A 443 0.71 18.56 4.01
N ASP A 444 0.31 19.07 5.16
CA ASP A 444 0.39 18.33 6.41
C ASP A 444 -0.46 17.06 6.35
N GLY A 445 -1.46 17.06 5.48
CA GLY A 445 -2.42 16.00 5.42
C GLY A 445 -1.98 14.87 4.52
N SER A 446 -1.40 15.24 3.37
CA SER A 446 -0.84 14.31 2.43
C SER A 446 0.35 13.58 3.05
N LEU A 447 1.11 14.30 3.89
CA LEU A 447 2.30 13.79 4.49
C LEU A 447 2.02 12.53 5.34
N GLN A 448 0.80 12.40 5.88
CA GLN A 448 0.48 11.34 6.85
C GLN A 448 0.50 9.95 6.17
N LEU A 449 0.21 9.94 4.86
CA LEU A 449 0.04 8.71 4.13
C LEU A 449 1.36 7.96 3.95
N THR A 450 2.47 8.69 3.84
CA THR A 450 3.71 8.11 3.43
C THR A 450 4.85 8.65 4.27
N VAL A 451 4.56 9.04 5.52
CA VAL A 451 5.44 9.91 6.36
C VAL A 451 6.78 9.21 6.63
N GLN A 452 6.76 7.88 6.72
CA GLN A 452 7.87 7.11 7.27
C GLN A 452 9.04 6.98 6.27
N GLU A 453 8.85 7.48 5.04
CA GLU A 453 9.90 7.36 4.09
C GLU A 453 10.88 8.52 4.31
N ILE A 454 10.63 9.33 5.34
CA ILE A 454 11.59 10.31 5.77
C ILE A 454 12.70 9.58 6.52
N SER A 455 12.33 8.49 7.19
CA SER A 455 13.34 7.66 7.87
C SER A 455 14.44 7.25 6.88
N THR A 456 14.05 7.02 5.64
CA THR A 456 14.91 6.41 4.65
C THR A 456 15.81 7.46 4.00
N MET A 457 15.38 8.71 4.05
CA MET A 457 16.21 9.84 3.64
C MET A 457 17.33 10.01 4.67
N ILE A 458 16.94 9.86 5.95
CA ILE A 458 17.82 10.09 7.06
C ILE A 458 18.96 9.07 7.00
N ARG A 459 18.58 7.82 6.77
CA ARG A 459 19.39 6.64 6.78
C ARG A 459 20.53 6.74 5.76
N TRP A 460 20.33 7.45 4.65
CA TRP A 460 21.38 7.65 3.61
C TRP A 460 21.95 9.07 3.68
N GLY A 461 21.67 9.80 4.75
CA GLY A 461 22.07 11.20 4.80
C GLY A 461 21.88 11.91 3.47
N LEU A 462 20.70 11.76 2.89
CA LEU A 462 20.26 12.64 1.81
C LEU A 462 19.80 13.96 2.45
N LYS A 463 19.83 15.05 1.66
CA LYS A 463 19.66 16.44 2.14
C LYS A 463 18.55 17.18 1.40
N PRO A 464 17.34 16.60 1.21
CA PRO A 464 16.24 17.34 0.61
C PRO A 464 15.70 18.38 1.58
N TYR A 465 15.00 19.39 1.05
CA TYR A 465 14.29 20.34 1.82
C TYR A 465 12.84 19.85 1.83
N LEU A 466 12.31 19.54 3.02
CA LEU A 466 10.92 19.12 3.14
C LEU A 466 10.07 20.29 3.67
N PHE A 467 9.50 21.10 2.77
CA PHE A 467 8.57 22.19 3.14
C PHE A 467 7.16 21.63 3.37
N VAL A 468 6.63 21.83 4.59
CA VAL A 468 5.38 21.18 5.03
C VAL A 468 4.35 22.27 5.31
N LEU A 469 3.37 22.39 4.41
CA LEU A 469 2.30 23.36 4.51
C LEU A 469 1.24 22.83 5.49
N ASN A 470 1.30 23.39 6.70
CA ASN A 470 0.39 23.17 7.76
C ASN A 470 -0.73 24.19 7.62
N ASN A 471 -1.90 23.74 7.14
CA ASN A 471 -3.13 24.50 7.17
C ASN A 471 -4.23 23.56 7.65
N ASP A 472 -3.94 22.90 8.78
CA ASP A 472 -4.87 22.15 9.65
C ASP A 472 -5.89 21.33 8.84
N GLY A 473 -5.42 20.54 7.87
CA GLY A 473 -6.26 19.51 7.23
C GLY A 473 -6.18 19.47 5.71
N TYR A 474 -7.12 18.69 5.13
CA TYR A 474 -7.29 18.49 3.67
C TYR A 474 -7.96 19.74 3.05
N THR A 475 -7.18 20.80 2.78
CA THR A 475 -7.72 22.17 2.56
C THR A 475 -8.23 22.40 1.13
N ILE A 476 -7.90 21.53 0.16
CA ILE A 476 -8.42 21.66 -1.24
C ILE A 476 -9.73 20.85 -1.41
N GLU A 477 -9.82 19.69 -0.72
CA GLU A 477 -11.03 18.84 -0.72
C GLU A 477 -12.08 19.46 0.23
N ARG A 478 -11.71 20.55 0.91
CA ARG A 478 -12.61 21.44 1.72
C ARG A 478 -13.17 22.60 0.88
N LEU A 479 -12.54 22.87 -0.27
CA LEU A 479 -12.88 24.02 -1.12
C LEU A 479 -13.91 23.60 -2.19
N ILE A 480 -14.17 22.29 -2.35
CA ILE A 480 -15.08 21.77 -3.44
C ILE A 480 -16.37 21.17 -2.84
N HIS A 481 -16.24 20.43 -1.72
CA HIS A 481 -17.38 19.74 -1.04
C HIS A 481 -16.97 19.29 0.37
N GLY A 482 -17.71 19.75 1.38
CA GLY A 482 -17.49 19.42 2.78
C GLY A 482 -16.45 20.34 3.41
N GLU A 483 -16.81 21.61 3.62
CA GLU A 483 -15.91 22.64 4.19
C GLU A 483 -15.50 22.28 5.63
N THR A 484 -16.44 21.71 6.41
CA THR A 484 -16.23 21.48 7.84
C THR A 484 -16.86 20.13 8.25
N ALA A 485 -16.47 19.06 7.55
CA ALA A 485 -16.81 17.66 7.87
C ALA A 485 -15.61 16.98 8.53
N GLN A 486 -15.89 15.95 9.33
CA GLN A 486 -14.85 15.21 10.07
C GLN A 486 -13.86 14.61 9.07
N TYR A 487 -14.35 14.17 7.89
CA TYR A 487 -13.55 13.34 6.94
C TYR A 487 -12.48 14.16 6.21
N ASN A 488 -12.50 15.50 6.35
CA ASN A 488 -11.41 16.41 5.84
C ASN A 488 -10.64 17.06 7.00
N CYS A 489 -10.75 16.49 8.22
CA CYS A 489 -9.94 16.84 9.43
C CYS A 489 -8.92 15.72 9.74
N ILE A 490 -7.81 16.11 10.36
CA ILE A 490 -6.65 15.21 10.63
C ILE A 490 -6.12 15.48 12.06
N GLN A 491 -5.30 14.55 12.55
CA GLN A 491 -4.59 14.75 13.83
C GLN A 491 -3.45 15.75 13.58
N ASN A 492 -3.18 16.59 14.59
CA ASN A 492 -2.13 17.63 14.54
C ASN A 492 -0.78 17.08 15.04
N TRP A 493 0.13 16.84 14.09
CA TRP A 493 1.46 16.29 14.33
C TRP A 493 2.48 17.40 14.60
N GLN A 494 3.52 17.03 15.37
CA GLN A 494 4.65 17.88 15.67
C GLN A 494 5.68 17.71 14.53
N HIS A 495 5.53 18.48 13.44
CA HIS A 495 6.35 18.24 12.28
C HIS A 495 7.83 18.42 12.61
N LEU A 496 8.13 19.28 13.59
CA LEU A 496 9.50 19.62 13.89
C LEU A 496 10.22 18.45 14.57
N GLU A 497 9.47 17.57 15.24
CA GLU A 497 10.01 16.35 15.91
C GLU A 497 10.08 15.13 14.96
N LEU A 498 9.70 15.27 13.69
CA LEU A 498 9.65 14.10 12.79
C LEU A 498 11.06 13.57 12.49
N LEU A 499 12.00 14.49 12.21
CA LEU A 499 13.35 14.07 11.85
C LEU A 499 14.02 13.42 13.06
N PRO A 500 14.15 14.11 14.23
CA PRO A 500 14.71 13.48 15.43
C PRO A 500 14.04 12.14 15.77
N THR A 501 12.73 12.01 15.60
CA THR A 501 12.01 10.83 16.03
C THR A 501 12.38 9.62 15.16
N PHE A 502 12.71 9.90 13.89
CA PHE A 502 13.20 8.93 12.97
C PHE A 502 14.75 8.83 13.02
N GLY A 503 15.37 9.28 14.13
CA GLY A 503 16.81 9.12 14.41
C GLY A 503 17.73 10.05 13.63
N ALA A 504 17.24 11.18 13.13
CA ALA A 504 18.13 12.17 12.49
C ALA A 504 19.05 12.79 13.56
N LYS A 505 20.34 12.86 13.23
CA LYS A 505 21.32 13.40 14.11
C LYS A 505 21.82 14.73 13.55
N ASP A 506 21.83 14.90 12.23
CA ASP A 506 22.35 16.12 11.58
C ASP A 506 21.24 16.69 10.66
N TYR A 507 20.40 17.55 11.25
CA TYR A 507 19.28 18.17 10.55
C TYR A 507 18.99 19.58 11.04
N GLU A 508 18.04 20.22 10.38
CA GLU A 508 17.46 21.45 10.87
C GLU A 508 15.96 21.26 10.75
N ALA A 509 15.20 21.95 11.59
CA ALA A 509 13.74 21.86 11.62
C ALA A 509 13.20 23.18 12.16
N VAL A 510 12.45 23.92 11.34
CA VAL A 510 12.13 25.27 11.70
C VAL A 510 10.71 25.59 11.22
N ARG A 511 9.96 26.33 12.06
CA ARG A 511 8.68 26.86 11.66
C ARG A 511 8.88 28.26 11.09
N VAL A 512 8.04 28.62 10.11
CA VAL A 512 7.93 29.98 9.58
C VAL A 512 6.43 30.31 9.43
N SER A 513 6.06 31.49 9.95
CA SER A 513 4.67 31.93 10.03
C SER A 513 4.51 33.32 9.40
N THR A 514 5.61 34.07 9.28
CA THR A 514 5.56 35.42 8.75
C THR A 514 6.44 35.54 7.50
N THR A 515 6.14 36.62 6.78
CA THR A 515 6.79 37.00 5.56
C THR A 515 8.28 37.16 5.84
N GLY A 516 8.58 37.79 6.98
CA GLY A 516 9.93 38.06 7.43
C GLY A 516 10.61 36.82 7.96
N GLU A 517 9.87 35.98 8.68
CA GLU A 517 10.47 34.71 9.11
C GLU A 517 10.96 33.97 7.85
N TRP A 518 10.10 33.92 6.83
CA TRP A 518 10.33 33.18 5.58
C TRP A 518 11.58 33.70 4.88
N ASN A 519 11.69 35.03 4.78
CA ASN A 519 12.77 35.69 4.08
C ASN A 519 14.11 35.47 4.81
N LYS A 520 14.12 35.64 6.13
CA LYS A 520 15.30 35.40 6.94
C LYS A 520 15.83 33.98 6.70
N LEU A 521 14.93 33.00 6.48
CA LEU A 521 15.36 31.59 6.40
C LEU A 521 15.90 31.25 4.99
N THR A 522 15.23 31.78 3.95
CA THR A 522 15.50 31.44 2.56
C THR A 522 16.59 32.31 1.95
N THR A 523 16.93 33.46 2.56
CA THR A 523 18.05 34.26 2.04
C THR A 523 19.34 33.91 2.78
N ASP A 524 19.25 33.19 3.92
CA ASP A 524 20.45 32.70 4.64
C ASP A 524 21.29 31.79 3.72
N GLU A 525 22.52 32.21 3.44
CA GLU A 525 23.38 31.52 2.52
C GLU A 525 23.73 30.14 3.07
N LYS A 526 23.83 29.99 4.39
CA LYS A 526 23.98 28.67 4.98
C LYS A 526 22.83 27.75 4.51
N PHE A 527 21.57 28.14 4.76
CA PHE A 527 20.34 27.38 4.39
C PHE A 527 20.29 27.01 2.88
N GLN A 528 20.68 27.95 2.01
CA GLN A 528 20.58 27.83 0.55
C GLN A 528 21.48 26.71 0.00
N ASP A 529 22.38 26.17 0.81
CA ASP A 529 23.28 25.13 0.33
C ASP A 529 22.91 23.79 1.00
N ASN A 530 22.78 22.74 0.17
CA ASN A 530 22.13 21.47 0.54
C ASN A 530 23.08 20.68 1.42
N THR A 531 23.24 21.15 2.66
CA THR A 531 24.31 20.74 3.57
C THR A 531 23.85 19.56 4.42
N ARG A 532 22.63 19.66 4.93
CA ARG A 532 21.97 18.57 5.67
C ARG A 532 20.47 18.51 5.31
N ILE A 533 19.81 17.45 5.76
CA ILE A 533 18.36 17.37 5.59
C ILE A 533 17.66 18.41 6.46
N ARG A 534 16.67 19.11 5.88
CA ARG A 534 15.98 20.26 6.51
C ARG A 534 14.47 20.11 6.36
N LEU A 535 13.73 20.35 7.44
CA LEU A 535 12.25 20.48 7.36
C LEU A 535 11.79 21.90 7.76
N ILE A 536 10.90 22.48 6.94
CA ILE A 536 10.32 23.76 7.21
C ILE A 536 8.79 23.61 7.34
N GLU A 537 8.25 23.92 8.53
CA GLU A 537 6.80 23.96 8.79
C GLU A 537 6.27 25.38 8.48
N VAL A 538 5.64 25.52 7.31
CA VAL A 538 5.12 26.77 6.84
C VAL A 538 3.66 26.90 7.28
N MET A 539 3.38 27.82 8.21
CA MET A 539 2.03 27.93 8.78
C MET A 539 1.14 28.79 7.88
N LEU A 540 -0.02 28.26 7.49
CA LEU A 540 -0.94 28.94 6.62
C LEU A 540 -2.36 28.84 7.20
N PRO A 541 -3.19 29.89 6.99
CA PRO A 541 -4.63 29.82 7.22
C PRO A 541 -5.37 28.57 6.69
N THR A 542 -6.46 28.21 7.40
CA THR A 542 -7.11 26.88 7.33
C THR A 542 -7.95 26.76 6.06
N MET A 543 -8.35 27.88 5.46
CA MET A 543 -9.14 27.86 4.20
C MET A 543 -8.37 28.58 3.07
N ASP A 544 -7.04 28.67 3.19
CA ASP A 544 -6.12 29.36 2.23
C ASP A 544 -5.83 28.44 1.03
N ALA A 545 -5.52 29.10 -0.09
CA ALA A 545 -5.23 28.47 -1.39
C ALA A 545 -4.71 29.54 -2.35
N PRO A 546 -3.93 29.21 -3.41
CA PRO A 546 -3.65 30.19 -4.47
C PRO A 546 -4.94 30.73 -5.10
N SER A 547 -4.85 31.91 -5.75
CA SER A 547 -5.98 32.87 -5.97
C SER A 547 -6.94 32.45 -7.09
N ASN A 548 -6.45 31.62 -8.02
CA ASN A 548 -7.23 31.19 -9.20
C ASN A 548 -7.90 29.84 -8.92
N LEU A 549 -7.72 29.29 -7.70
CA LEU A 549 -8.40 28.09 -7.18
C LEU A 549 -9.69 28.50 -6.44
N VAL A 550 -9.58 29.52 -5.56
CA VAL A 550 -10.73 30.13 -4.85
C VAL A 550 -11.47 31.11 -5.79
N LYS A 551 -10.94 31.29 -7.01
CA LYS A 551 -11.71 31.72 -8.18
C LYS A 551 -12.95 30.81 -8.33
N GLN A 552 -12.73 29.49 -8.20
CA GLN A 552 -13.72 28.44 -8.51
C GLN A 552 -14.21 27.75 -7.21
N ALA A 553 -14.31 28.51 -6.10
CA ALA A 553 -15.09 28.12 -4.92
C ALA A 553 -16.50 28.70 -5.02
N GLN A 554 -16.62 29.92 -5.59
CA GLN A 554 -17.90 30.64 -5.83
C GLN A 554 -18.38 30.42 -7.27
N LEU A 555 -17.49 30.68 -8.25
CA LEU A 555 -17.83 30.90 -9.68
C LEU A 555 -18.00 29.59 -10.47
N THR A 556 -17.82 28.42 -9.83
CA THR A 556 -18.33 27.10 -10.36
C THR A 556 -18.59 26.13 -9.18
N ALA A 557 -19.28 26.63 -8.14
CA ALA A 557 -19.86 25.80 -7.05
C ALA A 557 -21.07 26.54 -6.46
N ALA A 558 -22.28 26.08 -6.84
CA ALA A 558 -23.60 26.61 -6.42
C ALA A 558 -23.73 26.61 -4.89
N SER B 2 -42.00 7.32 1.88
CA SER B 2 -40.88 7.74 2.79
C SER B 2 -39.54 7.16 2.32
N GLU B 3 -38.61 8.06 2.01
CA GLU B 3 -37.48 7.79 1.13
C GLU B 3 -36.15 8.26 1.75
N ILE B 4 -35.06 7.54 1.42
CA ILE B 4 -33.68 7.89 1.83
C ILE B 4 -32.77 7.68 0.62
N THR B 5 -31.65 8.41 0.58
CA THR B 5 -30.64 8.17 -0.44
C THR B 5 -30.13 6.75 -0.29
N LEU B 6 -29.65 6.20 -1.42
CA LEU B 6 -29.04 4.87 -1.48
C LEU B 6 -27.87 4.81 -0.51
N GLY B 7 -27.04 5.86 -0.55
CA GLY B 7 -26.09 6.18 0.50
C GLY B 7 -26.59 5.79 1.87
N ARG B 8 -27.65 6.45 2.34
CA ARG B 8 -28.12 6.21 3.70
C ARG B 8 -28.55 4.75 3.88
N TYR B 9 -29.22 4.19 2.87
CA TYR B 9 -29.66 2.78 2.90
C TYR B 9 -28.47 1.89 3.26
N LEU B 10 -27.34 2.09 2.57
CA LEU B 10 -26.12 1.31 2.78
C LEU B 10 -25.72 1.36 4.26
N PHE B 11 -25.62 2.56 4.84
CA PHE B 11 -25.12 2.68 6.21
C PHE B 11 -26.16 2.08 7.18
N GLU B 12 -27.44 2.25 6.84
CA GLU B 12 -28.54 1.78 7.66
C GLU B 12 -28.51 0.25 7.70
N ARG B 13 -28.09 -0.36 6.59
CA ARG B 13 -27.89 -1.82 6.51
C ARG B 13 -26.65 -2.27 7.29
N LEU B 14 -25.59 -1.46 7.26
CA LEU B 14 -24.39 -1.81 7.99
C LEU B 14 -24.63 -1.72 9.51
N LYS B 15 -25.47 -0.79 9.97
CA LYS B 15 -25.80 -0.69 11.41
C LYS B 15 -26.54 -1.95 11.87
N GLN B 16 -27.48 -2.39 11.03
CA GLN B 16 -28.35 -3.54 11.28
C GLN B 16 -27.51 -4.82 11.45
N VAL B 17 -26.28 -4.83 10.91
CA VAL B 17 -25.38 -5.99 11.02
C VAL B 17 -24.28 -5.72 12.07
N GLU B 18 -24.40 -4.59 12.77
CA GLU B 18 -23.58 -4.24 13.92
C GLU B 18 -22.20 -3.75 13.48
N VAL B 19 -22.11 -3.23 12.26
CA VAL B 19 -20.98 -2.41 11.84
C VAL B 19 -21.26 -0.95 12.24
N GLN B 20 -20.41 -0.40 13.10
CA GLN B 20 -20.54 0.96 13.59
C GLN B 20 -19.38 1.85 13.16
N THR B 21 -18.16 1.31 13.15
CA THR B 21 -17.01 2.05 12.60
C THR B 21 -16.82 1.73 11.11
N ILE B 22 -16.51 2.79 10.34
CA ILE B 22 -16.33 2.69 8.90
C ILE B 22 -14.95 3.25 8.53
N PHE B 23 -14.29 2.50 7.66
CA PHE B 23 -12.88 2.62 7.40
C PHE B 23 -12.68 3.21 5.99
N GLY B 24 -11.49 3.78 5.77
CA GLY B 24 -11.12 4.26 4.45
C GLY B 24 -10.72 5.72 4.48
N LEU B 25 -10.50 6.27 3.27
CA LEU B 25 -10.12 7.66 3.11
C LEU B 25 -11.04 8.34 2.10
N PRO B 26 -11.40 9.62 2.34
CA PRO B 26 -12.25 10.38 1.45
C PRO B 26 -11.61 10.62 0.09
N GLY B 27 -12.43 10.64 -0.95
CA GLY B 27 -11.91 10.72 -2.29
C GLY B 27 -12.76 11.58 -3.20
N ASP B 28 -12.27 11.75 -4.42
CA ASP B 28 -12.98 12.51 -5.44
C ASP B 28 -14.43 11.97 -5.51
N PHE B 29 -14.62 10.63 -5.54
CA PHE B 29 -15.94 10.02 -5.81
C PHE B 29 -16.51 9.15 -4.66
N ASN B 30 -16.29 9.54 -3.41
CA ASN B 30 -17.05 8.88 -2.37
C ASN B 30 -17.55 9.89 -1.33
N LEU B 31 -17.30 11.19 -1.55
CA LEU B 31 -17.57 12.24 -0.57
C LEU B 31 -19.05 12.23 -0.20
N SER B 32 -19.89 12.06 -1.24
CA SER B 32 -21.34 12.13 -1.12
C SER B 32 -21.80 10.94 -0.27
N LEU B 33 -21.22 9.79 -0.60
CA LEU B 33 -21.44 8.60 0.16
C LEU B 33 -21.13 8.82 1.64
N LEU B 34 -20.05 9.53 1.95
CA LEU B 34 -19.55 9.62 3.34
C LEU B 34 -20.42 10.56 4.18
N ASP B 35 -21.01 11.55 3.50
CA ASP B 35 -21.89 12.53 4.13
C ASP B 35 -22.93 11.79 4.97
N ASN B 36 -23.54 10.77 4.36
CA ASN B 36 -24.60 9.95 4.91
C ASN B 36 -24.25 9.41 6.33
N ILE B 37 -22.97 9.22 6.64
CA ILE B 37 -22.56 8.44 7.80
C ILE B 37 -23.01 9.17 9.06
N TYR B 38 -22.90 10.50 9.10
CA TYR B 38 -23.14 11.27 10.33
C TYR B 38 -24.64 11.42 10.62
N GLU B 39 -25.48 10.94 9.71
CA GLU B 39 -26.94 11.02 9.83
C GLU B 39 -27.49 9.73 10.43
N VAL B 40 -26.85 8.59 10.16
CA VAL B 40 -27.15 7.38 10.88
C VAL B 40 -26.49 7.48 12.24
N PRO B 41 -27.27 7.53 13.35
CA PRO B 41 -26.66 7.67 14.68
C PRO B 41 -25.96 6.35 15.03
N GLY B 42 -24.90 6.43 15.83
CA GLY B 42 -24.13 5.26 16.27
C GLY B 42 -23.15 4.77 15.22
N MET B 43 -22.90 5.60 14.19
CA MET B 43 -21.92 5.30 13.14
C MET B 43 -20.88 6.42 13.05
N ARG B 44 -19.63 6.01 12.81
CA ARG B 44 -18.51 6.90 12.73
C ARG B 44 -17.61 6.51 11.55
N TRP B 45 -16.86 7.51 11.07
CA TRP B 45 -15.84 7.42 10.08
C TRP B 45 -14.48 7.51 10.78
N ALA B 46 -13.67 6.45 10.72
CA ALA B 46 -12.39 6.42 11.45
C ALA B 46 -11.51 7.60 11.04
N GLY B 47 -11.52 7.92 9.73
CA GLY B 47 -10.52 8.80 9.13
C GLY B 47 -9.14 8.18 9.24
N ASN B 48 -8.88 7.13 8.45
CA ASN B 48 -7.59 6.42 8.50
C ASN B 48 -6.51 7.30 7.87
N ALA B 49 -5.26 7.10 8.29
CA ALA B 49 -4.09 7.85 7.79
C ALA B 49 -3.73 7.44 6.34
N ASN B 50 -3.78 6.14 5.96
CA ASN B 50 -3.75 5.75 4.52
C ASN B 50 -4.65 4.54 4.25
N GLU B 51 -4.83 4.20 2.97
CA GLU B 51 -5.85 3.20 2.59
C GLU B 51 -5.46 1.79 3.02
N LEU B 52 -4.17 1.42 2.84
CA LEU B 52 -3.69 0.07 3.17
C LEU B 52 -3.89 -0.16 4.67
N ASN B 53 -3.50 0.84 5.46
CA ASN B 53 -3.75 0.85 6.88
C ASN B 53 -5.26 0.61 7.13
N ALA B 54 -6.10 1.31 6.38
CA ALA B 54 -7.53 1.22 6.61
C ALA B 54 -8.00 -0.22 6.42
N ALA B 55 -7.46 -0.89 5.41
CA ALA B 55 -7.89 -2.23 5.09
C ALA B 55 -7.50 -3.19 6.21
N TYR B 56 -6.28 -3.00 6.71
CA TYR B 56 -5.77 -3.74 7.81
C TYR B 56 -6.69 -3.52 9.02
N ALA B 57 -7.11 -2.27 9.25
CA ALA B 57 -8.00 -1.98 10.35
C ALA B 57 -9.32 -2.71 10.13
N ALA B 58 -9.96 -2.50 8.99
CA ALA B 58 -11.21 -3.19 8.68
C ALA B 58 -11.07 -4.68 9.01
N ASP B 59 -9.96 -5.32 8.58
CA ASP B 59 -9.64 -6.75 8.86
C ASP B 59 -9.79 -7.00 10.36
N GLY B 60 -9.09 -6.19 11.16
CA GLY B 60 -9.09 -6.30 12.61
C GLY B 60 -10.48 -6.19 13.19
N TYR B 61 -11.23 -5.20 12.68
CA TYR B 61 -12.61 -4.95 13.09
C TYR B 61 -13.46 -6.21 12.84
N ALA B 62 -13.43 -6.72 11.61
CA ALA B 62 -14.34 -7.78 11.19
C ALA B 62 -14.04 -9.05 11.98
N ARG B 63 -12.76 -9.28 12.28
CA ARG B 63 -12.31 -10.44 13.02
C ARG B 63 -13.08 -10.52 14.35
N LEU B 64 -13.42 -9.35 14.91
CA LEU B 64 -14.00 -9.26 16.25
C LEU B 64 -15.53 -9.11 16.16
N LYS B 65 -15.99 -8.28 15.24
CA LYS B 65 -17.33 -7.76 15.32
C LYS B 65 -18.22 -8.50 14.33
N GLY B 66 -17.63 -9.42 13.58
CA GLY B 66 -18.38 -10.19 12.57
C GLY B 66 -17.96 -9.87 11.16
N MET B 67 -18.15 -8.62 10.74
CA MET B 67 -17.79 -8.12 9.41
C MET B 67 -17.45 -6.62 9.47
N SER B 68 -17.07 -6.02 8.34
CA SER B 68 -16.56 -4.63 8.35
C SER B 68 -16.76 -3.98 6.98
N CYS B 69 -16.44 -2.69 6.93
CA CYS B 69 -16.61 -1.95 5.73
C CYS B 69 -15.50 -0.91 5.62
N ILE B 70 -14.87 -0.90 4.45
CA ILE B 70 -13.90 0.06 4.09
C ILE B 70 -14.43 0.70 2.81
N ILE B 71 -14.33 2.03 2.75
CA ILE B 71 -14.66 2.81 1.59
C ILE B 71 -13.36 3.44 1.07
N THR B 72 -13.12 3.27 -0.21
CA THR B 72 -12.00 3.87 -0.89
C THR B 72 -12.59 4.62 -2.08
N THR B 73 -11.74 5.16 -2.94
CA THR B 73 -12.13 5.87 -4.15
C THR B 73 -11.45 5.23 -5.37
N PHE B 74 -12.08 5.44 -6.52
CA PHE B 74 -11.71 4.86 -7.81
C PHE B 74 -10.21 5.00 -8.05
N GLY B 75 -9.57 3.88 -8.41
CA GLY B 75 -8.13 3.86 -8.69
C GLY B 75 -7.28 4.04 -7.44
N VAL B 76 -6.88 5.28 -7.19
CA VAL B 76 -5.82 5.55 -6.24
C VAL B 76 -6.15 4.91 -4.90
N GLY B 77 -7.41 4.97 -4.49
CA GLY B 77 -7.81 4.42 -3.20
C GLY B 77 -7.87 2.89 -3.20
N GLU B 78 -8.65 2.32 -4.11
CA GLU B 78 -8.91 0.87 -4.05
C GLU B 78 -7.56 0.14 -4.13
N LEU B 79 -6.71 0.54 -5.09
CA LEU B 79 -5.47 -0.17 -5.35
C LEU B 79 -4.49 -0.05 -4.16
N SER B 80 -4.57 1.03 -3.39
CA SER B 80 -3.68 1.21 -2.23
C SER B 80 -4.02 0.20 -1.14
N ALA B 81 -5.27 -0.31 -1.15
CA ALA B 81 -5.86 -1.15 -0.11
C ALA B 81 -5.71 -2.65 -0.42
N LEU B 82 -5.18 -2.97 -1.60
CA LEU B 82 -5.31 -4.31 -2.14
C LEU B 82 -4.59 -5.36 -1.29
N ASN B 83 -3.38 -5.06 -0.80
CA ASN B 83 -2.66 -6.03 -0.01
C ASN B 83 -3.49 -6.38 1.22
N GLY B 84 -4.29 -5.43 1.69
CA GLY B 84 -5.13 -5.60 2.87
C GLY B 84 -6.30 -6.53 2.63
N ILE B 85 -7.02 -6.24 1.54
CA ILE B 85 -8.13 -7.07 1.05
C ILE B 85 -7.60 -8.48 0.82
N ALA B 86 -6.41 -8.57 0.22
CA ALA B 86 -5.82 -9.84 -0.21
C ALA B 86 -5.60 -10.77 1.00
N GLY B 87 -5.20 -10.20 2.13
CA GLY B 87 -4.98 -10.99 3.30
C GLY B 87 -6.30 -11.35 3.99
N SER B 88 -7.26 -10.43 3.94
CA SER B 88 -8.59 -10.71 4.42
C SER B 88 -9.12 -11.92 3.63
N TYR B 89 -8.87 -11.96 2.31
CA TYR B 89 -9.31 -13.08 1.50
C TYR B 89 -8.62 -14.37 1.93
N ALA B 90 -7.30 -14.32 2.10
CA ALA B 90 -6.51 -15.51 2.43
C ALA B 90 -6.93 -16.09 3.80
N GLU B 91 -7.02 -15.24 4.84
CA GLU B 91 -7.31 -15.69 6.20
C GLU B 91 -8.81 -15.58 6.50
N HIS B 92 -9.64 -15.42 5.45
CA HIS B 92 -11.12 -15.56 5.53
C HIS B 92 -11.70 -14.59 6.58
N VAL B 93 -11.94 -13.35 6.15
CA VAL B 93 -12.45 -12.29 6.99
C VAL B 93 -13.41 -11.44 6.14
N GLY B 94 -14.61 -11.21 6.66
CA GLY B 94 -15.64 -10.54 5.91
C GLY B 94 -15.42 -9.04 5.90
N VAL B 95 -14.67 -8.57 4.89
CA VAL B 95 -14.48 -7.16 4.68
C VAL B 95 -15.25 -6.76 3.42
N LEU B 96 -16.17 -5.81 3.57
CA LEU B 96 -16.91 -5.25 2.46
C LEU B 96 -16.09 -4.06 1.93
N HIS B 97 -15.37 -4.29 0.84
CA HIS B 97 -14.69 -3.20 0.16
C HIS B 97 -15.70 -2.43 -0.68
N VAL B 98 -15.82 -1.11 -0.45
CA VAL B 98 -16.76 -0.22 -1.14
C VAL B 98 -15.98 0.88 -1.86
N VAL B 99 -16.09 0.93 -3.19
CA VAL B 99 -15.42 1.96 -3.98
C VAL B 99 -16.47 2.89 -4.60
N GLY B 100 -16.45 4.14 -4.14
CA GLY B 100 -17.00 5.23 -4.90
C GLY B 100 -16.31 5.32 -6.23
N VAL B 101 -17.09 5.23 -7.31
CA VAL B 101 -16.56 5.35 -8.64
C VAL B 101 -17.33 6.48 -9.32
N PRO B 102 -16.92 6.90 -10.55
CA PRO B 102 -17.59 7.98 -11.26
C PRO B 102 -18.88 7.49 -11.93
N SER B 103 -19.65 8.46 -12.41
CA SER B 103 -21.08 8.38 -12.52
C SER B 103 -21.53 8.33 -13.99
N VAL B 104 -21.64 7.12 -14.54
CA VAL B 104 -22.01 6.89 -15.95
C VAL B 104 -21.52 8.08 -16.81
N SER B 105 -20.17 8.17 -16.92
CA SER B 105 -19.38 9.29 -17.47
C SER B 105 -18.83 8.94 -18.87
N SER B 106 -19.11 9.83 -19.85
CA SER B 106 -18.85 9.62 -21.29
C SER B 106 -19.10 8.15 -21.66
N LEU B 113 -13.30 9.72 -19.67
CA LEU B 113 -12.53 10.96 -19.74
C LEU B 113 -11.98 11.29 -18.34
N HIS B 114 -12.74 10.90 -17.31
CA HIS B 114 -12.38 11.04 -15.89
C HIS B 114 -11.33 9.98 -15.52
N HIS B 115 -11.26 8.89 -16.31
CA HIS B 115 -10.39 7.69 -16.08
C HIS B 115 -8.96 8.11 -15.70
N THR B 116 -8.52 7.65 -14.52
CA THR B 116 -7.25 8.06 -13.95
C THR B 116 -6.12 7.45 -14.84
N LEU B 117 -6.19 6.15 -15.21
CA LEU B 117 -5.06 5.36 -15.93
C LEU B 117 -4.71 5.97 -17.30
N GLY B 118 -5.35 5.50 -18.37
CA GLY B 118 -4.99 5.91 -19.73
C GLY B 118 -4.88 4.72 -20.68
N ASN B 119 -5.91 3.86 -20.65
CA ASN B 119 -6.35 2.96 -21.74
C ASN B 119 -7.78 3.42 -22.03
N GLY B 120 -8.68 2.51 -22.44
CA GLY B 120 -10.08 2.90 -22.66
C GLY B 120 -10.97 2.56 -21.46
N ASP B 121 -10.37 2.00 -20.40
CA ASP B 121 -10.99 0.92 -19.62
C ASP B 121 -11.42 1.34 -18.20
N PHE B 122 -12.64 1.88 -18.06
CA PHE B 122 -13.25 2.19 -16.76
C PHE B 122 -13.28 0.95 -15.84
N THR B 123 -12.96 -0.26 -16.34
CA THR B 123 -13.32 -1.50 -15.59
C THR B 123 -12.10 -2.22 -14.98
N VAL B 124 -10.89 -1.65 -15.10
CA VAL B 124 -9.67 -2.43 -14.83
C VAL B 124 -9.53 -2.74 -13.33
N PHE B 125 -9.89 -1.81 -12.45
CA PHE B 125 -9.54 -1.97 -11.06
C PHE B 125 -10.51 -2.93 -10.38
N HIS B 126 -11.70 -3.04 -10.99
CA HIS B 126 -12.72 -4.00 -10.60
C HIS B 126 -12.24 -5.40 -11.02
N ARG B 127 -11.84 -5.55 -12.28
CA ARG B 127 -11.23 -6.80 -12.80
C ARG B 127 -10.12 -7.26 -11.84
N MET B 128 -9.34 -6.31 -11.34
CA MET B 128 -8.23 -6.63 -10.48
C MET B 128 -8.75 -7.19 -9.15
N SER B 129 -9.71 -6.48 -8.53
CA SER B 129 -10.21 -6.83 -7.19
C SER B 129 -11.06 -8.12 -7.23
N SER B 130 -11.42 -8.59 -8.44
CA SER B 130 -12.20 -9.84 -8.64
C SER B 130 -11.43 -11.06 -8.19
N ASN B 131 -10.09 -10.99 -8.30
CA ASN B 131 -9.17 -12.11 -8.14
C ASN B 131 -9.01 -12.41 -6.65
N ILE B 132 -9.46 -11.47 -5.78
CA ILE B 132 -9.31 -11.53 -4.31
C ILE B 132 -10.63 -11.13 -3.62
N SER B 133 -11.76 -11.38 -4.29
CA SER B 133 -13.11 -11.12 -3.74
C SER B 133 -13.99 -12.36 -3.96
N GLU B 134 -14.86 -12.68 -3.00
CA GLU B 134 -15.88 -13.75 -3.11
C GLU B 134 -16.86 -13.43 -4.25
N THR B 135 -17.36 -12.19 -4.29
CA THR B 135 -18.08 -11.64 -5.45
C THR B 135 -17.65 -10.20 -5.66
N THR B 136 -18.15 -9.65 -6.76
CA THR B 136 -18.10 -8.24 -7.05
C THR B 136 -19.51 -7.74 -7.39
N ALA B 137 -19.67 -6.42 -7.41
CA ALA B 137 -20.90 -5.75 -7.79
C ALA B 137 -20.60 -4.31 -8.22
N MET B 138 -20.95 -3.98 -9.47
CA MET B 138 -20.80 -2.64 -9.94
C MET B 138 -22.20 -2.12 -10.31
N ILE B 139 -22.83 -1.48 -9.32
CA ILE B 139 -24.22 -1.03 -9.34
C ILE B 139 -24.42 0.08 -10.37
N THR B 140 -25.36 -0.12 -11.31
CA THR B 140 -25.59 0.85 -12.41
C THR B 140 -27.04 1.34 -12.52
N ASP B 141 -27.93 0.76 -11.69
CA ASP B 141 -29.42 0.92 -11.80
C ASP B 141 -30.08 0.85 -10.40
N ILE B 142 -30.72 1.96 -10.04
CA ILE B 142 -31.29 2.23 -8.72
C ILE B 142 -32.26 1.13 -8.28
N ASN B 143 -33.03 0.59 -9.22
CA ASN B 143 -34.12 -0.32 -8.89
C ASN B 143 -33.58 -1.63 -8.32
N THR B 144 -32.40 -2.07 -8.79
CA THR B 144 -31.76 -3.32 -8.38
C THR B 144 -30.86 -3.14 -7.16
N ALA B 145 -30.31 -1.93 -7.02
CA ALA B 145 -29.16 -1.65 -6.14
C ALA B 145 -29.39 -2.16 -4.73
N PRO B 146 -30.55 -1.90 -4.09
CA PRO B 146 -30.77 -2.37 -2.72
C PRO B 146 -30.66 -3.90 -2.62
N ALA B 147 -31.26 -4.60 -3.58
CA ALA B 147 -31.19 -6.06 -3.62
C ALA B 147 -29.73 -6.53 -3.68
N GLU B 148 -28.95 -5.91 -4.58
CA GLU B 148 -27.50 -6.15 -4.78
C GLU B 148 -26.69 -5.88 -3.50
N ILE B 149 -26.88 -4.71 -2.86
CA ILE B 149 -26.21 -4.35 -1.60
C ILE B 149 -26.42 -5.46 -0.57
N ASP B 150 -27.64 -5.99 -0.52
CA ASP B 150 -27.96 -6.98 0.46
C ASP B 150 -27.16 -8.26 0.15
N ARG B 151 -27.14 -8.69 -1.12
CA ARG B 151 -26.32 -9.84 -1.51
C ARG B 151 -24.88 -9.61 -1.03
N CYS B 152 -24.29 -8.48 -1.42
CA CYS B 152 -22.95 -8.11 -1.00
C CYS B 152 -22.78 -8.26 0.51
N ILE B 153 -23.63 -7.60 1.31
CA ILE B 153 -23.50 -7.68 2.77
C ILE B 153 -23.72 -9.11 3.27
N ARG B 154 -24.69 -9.82 2.69
CA ARG B 154 -24.96 -11.23 3.01
C ARG B 154 -23.68 -12.03 2.73
N THR B 155 -23.20 -11.93 1.47
CA THR B 155 -22.08 -12.76 1.02
C THR B 155 -20.84 -12.51 1.88
N THR B 156 -20.60 -11.25 2.22
CA THR B 156 -19.47 -10.87 3.07
C THR B 156 -19.52 -11.67 4.36
N TYR B 157 -20.68 -11.63 5.02
CA TYR B 157 -20.88 -12.16 6.38
C TYR B 157 -20.88 -13.70 6.35
N VAL B 158 -21.61 -14.28 5.39
CA VAL B 158 -21.94 -15.71 5.39
C VAL B 158 -20.68 -16.50 5.05
N SER B 159 -19.91 -16.01 4.08
CA SER B 159 -18.76 -16.71 3.54
C SER B 159 -17.47 -16.31 4.24
N GLN B 160 -17.49 -15.14 4.90
CA GLN B 160 -16.32 -14.55 5.59
C GLN B 160 -15.13 -14.51 4.63
N ARG B 161 -15.34 -13.82 3.51
CA ARG B 161 -14.33 -13.42 2.58
C ARG B 161 -14.73 -12.07 2.01
N PRO B 162 -13.77 -11.24 1.54
CA PRO B 162 -14.07 -9.87 1.18
C PRO B 162 -14.88 -9.82 -0.11
N VAL B 163 -15.66 -8.76 -0.28
CA VAL B 163 -16.56 -8.53 -1.38
C VAL B 163 -16.37 -7.09 -1.87
N TYR B 164 -16.26 -6.93 -3.20
CA TYR B 164 -16.13 -5.63 -3.85
C TYR B 164 -17.51 -5.10 -4.22
N LEU B 165 -17.76 -3.83 -3.90
CA LEU B 165 -19.03 -3.17 -4.14
C LEU B 165 -18.82 -1.76 -4.68
N GLY B 166 -18.94 -1.63 -6.02
CA GLY B 166 -18.73 -0.38 -6.75
C GLY B 166 -20.01 0.43 -6.80
N LEU B 167 -19.94 1.70 -6.40
CA LEU B 167 -21.09 2.57 -6.22
C LEU B 167 -20.87 3.87 -6.97
N PRO B 168 -21.38 4.02 -8.21
CA PRO B 168 -21.22 5.27 -8.94
C PRO B 168 -21.79 6.49 -8.17
N ALA B 169 -21.23 7.68 -8.42
CA ALA B 169 -21.50 8.88 -7.59
C ALA B 169 -22.93 9.43 -7.85
N ASN B 170 -23.50 9.13 -9.03
CA ASN B 170 -24.86 9.58 -9.43
C ASN B 170 -25.89 8.84 -8.55
N LEU B 171 -25.74 7.51 -8.42
CA LEU B 171 -26.72 6.61 -7.77
C LEU B 171 -26.78 6.80 -6.25
N VAL B 172 -25.68 7.23 -5.61
CA VAL B 172 -25.64 7.29 -4.13
C VAL B 172 -26.57 8.41 -3.63
N ASP B 173 -26.86 9.40 -4.49
CA ASP B 173 -27.67 10.56 -4.09
C ASP B 173 -29.12 10.38 -4.56
N LEU B 174 -29.35 9.49 -5.54
CA LEU B 174 -30.67 8.88 -5.82
C LEU B 174 -31.21 8.19 -4.58
N THR B 175 -32.50 7.87 -4.61
CA THR B 175 -33.25 7.71 -3.37
C THR B 175 -34.22 6.53 -3.51
N VAL B 176 -34.45 5.81 -2.41
CA VAL B 176 -35.29 4.59 -2.42
C VAL B 176 -36.07 4.51 -1.11
N PRO B 177 -37.07 3.59 -0.98
CA PRO B 177 -37.96 3.52 0.18
C PRO B 177 -37.35 2.94 1.47
N ALA B 178 -37.46 3.70 2.57
CA ALA B 178 -37.04 3.27 3.91
C ALA B 178 -37.64 1.90 4.27
N SER B 179 -38.85 1.61 3.76
CA SER B 179 -39.63 0.39 4.06
C SER B 179 -38.75 -0.85 4.00
N LEU B 180 -37.82 -0.84 3.03
CA LEU B 180 -36.98 -1.99 2.69
C LEU B 180 -36.25 -2.49 3.94
N LEU B 181 -35.78 -1.56 4.77
CA LEU B 181 -34.98 -1.84 5.98
C LEU B 181 -35.77 -2.66 7.01
N ASP B 182 -37.11 -2.63 6.88
CA ASP B 182 -38.05 -3.21 7.85
C ASP B 182 -38.08 -4.72 7.72
N THR B 183 -37.59 -5.24 6.58
CA THR B 183 -37.14 -6.65 6.45
C THR B 183 -35.63 -6.70 6.66
N PRO B 184 -35.14 -7.58 7.57
CA PRO B 184 -33.72 -7.85 7.69
C PRO B 184 -33.07 -8.26 6.36
N ILE B 185 -31.82 -8.73 6.47
CA ILE B 185 -31.14 -9.43 5.41
C ILE B 185 -31.03 -10.87 5.89
N ASP B 186 -31.19 -11.81 4.96
CA ASP B 186 -31.16 -13.24 5.28
C ASP B 186 -29.71 -13.65 5.59
N LEU B 187 -29.39 -13.71 6.88
CA LEU B 187 -28.04 -14.07 7.36
C LEU B 187 -28.03 -15.48 7.97
N SER B 188 -29.02 -16.32 7.61
CA SER B 188 -29.09 -17.70 8.10
C SER B 188 -28.57 -18.63 7.00
N LEU B 189 -28.20 -19.84 7.41
CA LEU B 189 -27.95 -20.95 6.49
C LEU B 189 -29.28 -21.70 6.34
N LYS B 190 -29.27 -22.86 5.68
CA LYS B 190 -30.43 -23.81 5.70
C LYS B 190 -29.90 -25.23 5.93
N PRO B 191 -30.44 -25.99 6.92
CA PRO B 191 -29.82 -27.26 7.30
C PRO B 191 -29.44 -28.05 6.04
N ASN B 192 -28.44 -28.92 6.17
CA ASN B 192 -27.83 -29.62 5.04
C ASN B 192 -28.89 -30.48 4.33
N ASP B 193 -28.55 -30.96 3.14
CA ASP B 193 -29.25 -32.08 2.50
C ASP B 193 -28.97 -33.34 3.35
N PRO B 194 -29.96 -33.96 4.03
CA PRO B 194 -29.68 -34.96 5.07
C PRO B 194 -28.99 -36.23 4.53
N GLU B 195 -29.22 -36.52 3.24
CA GLU B 195 -28.50 -37.58 2.50
C GLU B 195 -26.98 -37.49 2.75
N ALA B 196 -26.42 -36.32 2.43
CA ALA B 196 -24.96 -36.08 2.47
C ALA B 196 -24.45 -36.03 3.91
N GLU B 197 -25.23 -35.37 4.78
CA GLU B 197 -24.88 -35.18 6.18
C GLU B 197 -24.57 -36.54 6.81
N GLU B 198 -25.54 -37.45 6.67
CA GLU B 198 -25.56 -38.81 7.29
C GLU B 198 -24.33 -39.58 6.81
N GLU B 199 -24.07 -39.52 5.50
CA GLU B 199 -22.94 -40.19 4.89
C GLU B 199 -21.65 -39.74 5.56
N VAL B 200 -21.55 -38.43 5.77
CA VAL B 200 -20.37 -37.81 6.34
C VAL B 200 -20.27 -38.21 7.81
N ILE B 201 -21.29 -37.86 8.61
CA ILE B 201 -21.30 -38.14 10.04
C ILE B 201 -20.93 -39.61 10.29
N GLU B 202 -21.56 -40.52 9.53
CA GLU B 202 -21.34 -41.97 9.65
C GLU B 202 -19.84 -42.30 9.53
N ASN B 203 -19.24 -41.96 8.38
CA ASN B 203 -17.85 -42.41 8.06
C ASN B 203 -16.89 -41.90 9.12
N VAL B 204 -17.19 -40.71 9.66
CA VAL B 204 -16.39 -40.07 10.68
C VAL B 204 -16.44 -40.95 11.94
N LEU B 205 -17.65 -41.22 12.42
CA LEU B 205 -17.88 -42.02 13.66
C LEU B 205 -17.14 -43.36 13.57
N GLN B 206 -17.24 -44.00 12.39
CA GLN B 206 -16.50 -45.20 12.04
C GLN B 206 -15.00 -44.95 12.27
N LEU B 207 -14.45 -43.94 11.58
CA LEU B 207 -13.01 -43.63 11.59
C LEU B 207 -12.52 -43.41 13.03
N ILE B 208 -13.38 -42.84 13.88
CA ILE B 208 -13.03 -42.54 15.28
C ILE B 208 -12.82 -43.84 16.05
N LYS B 209 -13.73 -44.80 15.86
CA LYS B 209 -13.65 -46.14 16.47
C LYS B 209 -12.33 -46.78 16.08
N GLU B 210 -12.00 -46.75 14.79
CA GLU B 210 -10.77 -47.35 14.30
C GLU B 210 -9.55 -46.58 14.84
N ALA B 211 -9.71 -45.29 15.11
CA ALA B 211 -8.61 -44.44 15.54
C ALA B 211 -8.02 -44.94 16.86
N LYS B 212 -6.75 -45.37 16.80
CA LYS B 212 -5.97 -45.77 17.99
C LYS B 212 -5.71 -44.52 18.84
N ASN B 213 -5.22 -43.46 18.17
CA ASN B 213 -4.83 -42.19 18.80
C ASN B 213 -5.24 -41.01 17.91
N PRO B 214 -6.50 -40.55 17.99
CA PRO B 214 -6.92 -39.31 17.35
C PRO B 214 -6.48 -38.01 18.07
N VAL B 215 -6.70 -36.88 17.38
CA VAL B 215 -6.45 -35.51 17.83
C VAL B 215 -7.46 -34.56 17.16
N ILE B 216 -7.70 -33.43 17.85
CA ILE B 216 -8.59 -32.33 17.41
C ILE B 216 -7.71 -31.09 17.17
N LEU B 217 -7.82 -30.51 15.97
CA LEU B 217 -7.24 -29.22 15.60
C LEU B 217 -8.37 -28.19 15.45
N ALA B 218 -8.28 -27.09 16.19
CA ALA B 218 -9.03 -25.86 15.83
C ALA B 218 -8.11 -24.92 15.02
N ASP B 219 -8.60 -24.50 13.85
CA ASP B 219 -8.00 -23.46 13.00
C ASP B 219 -8.97 -22.25 12.96
N ALA B 220 -8.67 -21.23 12.16
CA ALA B 220 -9.25 -19.89 12.36
C ALA B 220 -10.76 -19.89 12.11
N CYS B 221 -11.19 -20.72 11.16
CA CYS B 221 -12.58 -20.70 10.72
C CYS B 221 -13.49 -21.22 11.81
N CYS B 222 -12.88 -21.74 12.89
CA CYS B 222 -13.57 -22.17 14.11
C CYS B 222 -14.21 -20.98 14.86
N SER B 223 -13.41 -19.97 15.27
CA SER B 223 -13.97 -18.65 15.68
C SER B 223 -14.84 -18.12 14.55
N ARG B 224 -14.22 -18.05 13.37
CA ARG B 224 -14.71 -17.24 12.28
C ARG B 224 -16.18 -17.57 11.96
N HIS B 225 -16.57 -18.87 11.99
CA HIS B 225 -17.94 -19.31 11.61
C HIS B 225 -18.70 -19.89 12.83
N ASP B 226 -18.29 -19.49 14.04
CA ASP B 226 -19.11 -19.55 15.27
C ASP B 226 -19.19 -20.99 15.81
N ALA B 227 -18.23 -21.84 15.47
CA ALA B 227 -18.26 -23.25 15.86
C ALA B 227 -17.44 -23.47 17.12
N LYS B 228 -17.31 -22.42 17.96
CA LYS B 228 -16.37 -22.43 19.09
C LYS B 228 -16.84 -23.42 20.16
N ALA B 229 -18.14 -23.38 20.45
CA ALA B 229 -18.76 -24.14 21.52
C ALA B 229 -18.78 -25.64 21.15
N GLU B 230 -19.13 -25.94 19.89
CA GLU B 230 -19.28 -27.32 19.42
C GLU B 230 -17.95 -28.05 19.57
N THR B 231 -16.87 -27.30 19.37
CA THR B 231 -15.54 -27.82 19.55
C THR B 231 -15.35 -28.23 21.01
N LYS B 232 -15.85 -27.40 21.95
CA LYS B 232 -15.64 -27.59 23.41
C LYS B 232 -16.33 -28.86 23.89
N LYS B 233 -17.59 -29.09 23.47
CA LYS B 233 -18.29 -30.36 23.77
C LYS B 233 -17.49 -31.53 23.20
N LEU B 234 -17.24 -31.48 21.89
CA LEU B 234 -16.62 -32.59 21.19
C LEU B 234 -15.38 -33.03 21.98
N ILE B 235 -14.62 -32.08 22.54
CA ILE B 235 -13.36 -32.41 23.26
C ILE B 235 -13.72 -33.03 24.62
N ASP B 236 -14.78 -32.52 25.25
CA ASP B 236 -15.29 -33.05 26.54
C ASP B 236 -15.66 -34.55 26.38
N LEU B 237 -16.28 -34.89 25.24
CA LEU B 237 -16.82 -36.23 24.98
C LEU B 237 -15.74 -37.19 24.46
N THR B 238 -15.00 -36.80 23.43
CA THR B 238 -13.92 -37.64 22.91
C THR B 238 -12.74 -37.66 23.90
N GLN B 239 -12.53 -36.56 24.62
CA GLN B 239 -11.38 -36.36 25.50
C GLN B 239 -10.11 -36.77 24.76
N PHE B 240 -10.12 -36.58 23.43
CA PHE B 240 -8.92 -36.69 22.64
C PHE B 240 -8.08 -35.46 22.95
N PRO B 241 -6.74 -35.55 22.82
CA PRO B 241 -5.89 -34.37 22.86
C PRO B 241 -6.43 -33.31 21.89
N ALA B 242 -6.60 -32.08 22.37
CA ALA B 242 -7.03 -30.97 21.51
C ALA B 242 -5.86 -29.98 21.31
N PHE B 243 -5.81 -29.37 20.12
CA PHE B 243 -4.73 -28.47 19.70
C PHE B 243 -5.26 -27.32 18.82
N VAL B 244 -4.44 -26.28 18.69
CA VAL B 244 -4.77 -25.09 17.89
C VAL B 244 -3.59 -24.75 16.99
N THR B 245 -3.94 -24.23 15.81
CA THR B 245 -3.03 -23.66 14.85
C THR B 245 -2.67 -22.27 15.35
N PRO B 246 -1.52 -21.68 14.98
CA PRO B 246 -1.23 -20.30 15.40
C PRO B 246 -2.35 -19.31 15.02
N MET B 247 -3.13 -19.66 13.98
CA MET B 247 -4.17 -18.83 13.38
C MET B 247 -5.46 -18.93 14.17
N GLY B 248 -5.57 -19.98 14.99
CA GLY B 248 -6.77 -20.27 15.77
C GLY B 248 -6.53 -20.21 17.27
N LYS B 249 -5.39 -19.68 17.71
CA LYS B 249 -5.10 -19.65 19.13
C LYS B 249 -6.16 -18.80 19.83
N GLY B 250 -6.79 -19.39 20.86
CA GLY B 250 -7.91 -18.79 21.61
C GLY B 250 -9.28 -19.35 21.22
N SER B 251 -9.37 -20.09 20.12
CA SER B 251 -10.59 -20.82 19.72
C SER B 251 -10.93 -21.95 20.70
N ILE B 252 -9.91 -22.62 21.24
CA ILE B 252 -10.07 -23.51 22.39
C ILE B 252 -9.50 -22.79 23.61
N ASP B 253 -10.37 -22.56 24.62
CA ASP B 253 -9.98 -21.91 25.89
C ASP B 253 -8.93 -22.82 26.55
N GLU B 254 -7.75 -22.25 26.82
CA GLU B 254 -6.55 -23.03 27.06
C GLU B 254 -6.52 -23.66 28.45
N LYS B 255 -7.59 -23.49 29.26
CA LYS B 255 -7.62 -24.02 30.64
C LYS B 255 -8.10 -25.48 30.66
N HIS B 256 -9.02 -25.84 29.75
CA HIS B 256 -9.49 -27.21 29.55
C HIS B 256 -8.37 -28.24 29.72
N PRO B 257 -8.55 -29.23 30.61
CA PRO B 257 -7.48 -30.17 30.96
C PRO B 257 -6.73 -30.75 29.74
N ARG B 258 -7.50 -31.10 28.69
CA ARG B 258 -7.02 -31.89 27.54
C ARG B 258 -6.55 -31.01 26.37
N PHE B 259 -6.41 -29.68 26.58
CA PHE B 259 -5.81 -28.81 25.56
C PHE B 259 -4.28 -28.89 25.64
N GLY B 260 -3.62 -29.16 24.51
CA GLY B 260 -2.17 -29.55 24.48
C GLY B 260 -1.23 -28.51 23.89
N GLY B 261 -1.77 -27.34 23.54
CA GLY B 261 -0.98 -26.23 23.04
C GLY B 261 -1.19 -26.03 21.55
N VAL B 262 -0.12 -25.65 20.87
CA VAL B 262 -0.21 -25.02 19.58
C VAL B 262 0.64 -25.84 18.61
N TYR B 263 -0.03 -26.48 17.63
CA TYR B 263 0.68 -27.22 16.60
C TYR B 263 1.05 -26.23 15.49
N VAL B 264 2.30 -26.31 15.05
CA VAL B 264 2.93 -25.37 14.14
C VAL B 264 3.85 -26.14 13.18
N GLY B 265 3.48 -27.41 12.88
CA GLY B 265 4.30 -28.25 12.03
C GLY B 265 5.73 -28.26 12.52
N THR B 266 6.68 -27.93 11.64
CA THR B 266 8.09 -28.17 11.92
C THR B 266 8.62 -27.29 13.05
N LEU B 267 7.82 -26.32 13.54
CA LEU B 267 8.28 -25.40 14.59
C LEU B 267 7.73 -25.74 15.98
N SER B 268 6.85 -26.75 16.08
CA SER B 268 6.19 -27.04 17.36
C SER B 268 7.23 -27.49 18.41
N SER B 269 6.82 -27.38 19.68
CA SER B 269 7.54 -27.95 20.80
C SER B 269 7.65 -29.45 20.58
N PRO B 270 8.87 -30.05 20.54
CA PRO B 270 9.03 -31.50 20.45
C PRO B 270 7.90 -32.39 21.03
N ALA B 271 7.36 -32.06 22.20
CA ALA B 271 6.31 -32.88 22.83
C ALA B 271 5.00 -32.86 22.03
N VAL B 272 4.76 -31.72 21.37
CA VAL B 272 3.52 -31.41 20.65
C VAL B 272 3.65 -31.96 19.24
N LYS B 273 4.80 -31.66 18.62
CA LYS B 273 5.24 -32.21 17.35
C LYS B 273 5.10 -33.74 17.36
N GLU B 274 5.47 -34.36 18.48
CA GLU B 274 5.29 -35.79 18.66
C GLU B 274 3.79 -36.11 18.74
N ALA B 275 3.06 -35.39 19.58
CA ALA B 275 1.68 -35.71 19.84
C ALA B 275 0.87 -35.79 18.54
N VAL B 276 1.16 -34.88 17.59
CA VAL B 276 0.33 -34.65 16.37
C VAL B 276 0.85 -35.56 15.23
N GLU B 277 2.18 -35.53 14.95
CA GLU B 277 2.84 -36.34 13.88
C GLU B 277 2.57 -37.86 14.05
N SER B 278 2.00 -38.27 15.19
CA SER B 278 1.76 -39.69 15.50
C SER B 278 0.28 -39.96 15.78
N ALA B 279 -0.60 -39.04 15.38
CA ALA B 279 -2.00 -39.31 15.43
C ALA B 279 -2.28 -40.18 14.20
N ASP B 280 -3.32 -41.01 14.26
CA ASP B 280 -3.76 -41.78 13.07
C ASP B 280 -5.20 -41.36 12.72
N LEU B 281 -5.51 -40.10 13.06
CA LEU B 281 -6.76 -39.42 12.71
C LEU B 281 -6.68 -37.97 13.22
N VAL B 282 -6.97 -36.99 12.35
CA VAL B 282 -7.05 -35.60 12.75
C VAL B 282 -8.47 -35.10 12.46
N LEU B 283 -9.13 -34.63 13.52
CA LEU B 283 -10.40 -33.93 13.43
C LEU B 283 -10.11 -32.42 13.42
N SER B 284 -10.11 -31.82 12.23
CA SER B 284 -9.80 -30.40 12.04
C SER B 284 -11.09 -29.60 11.88
N VAL B 285 -11.36 -28.74 12.87
CA VAL B 285 -12.45 -27.78 12.83
C VAL B 285 -11.92 -26.47 12.23
N GLY B 286 -12.29 -26.21 10.98
CA GLY B 286 -12.21 -24.90 10.36
C GLY B 286 -10.83 -24.54 9.83
N ALA B 287 -10.19 -25.49 9.12
CA ALA B 287 -8.86 -25.29 8.57
C ALA B 287 -8.92 -24.19 7.51
N LEU B 288 -7.90 -23.32 7.51
CA LEU B 288 -7.59 -22.44 6.39
C LEU B 288 -6.82 -23.26 5.36
N LEU B 289 -5.67 -23.76 5.81
CA LEU B 289 -4.81 -24.58 4.99
C LEU B 289 -4.26 -25.71 5.86
N SER B 290 -4.50 -26.95 5.40
CA SER B 290 -3.79 -28.16 5.75
C SER B 290 -2.76 -28.37 4.65
N ASP B 291 -1.48 -28.36 5.01
CA ASP B 291 -0.36 -28.44 4.06
C ASP B 291 -0.16 -27.05 3.43
N PHE B 292 0.85 -26.32 3.96
CA PHE B 292 1.38 -25.07 3.41
C PHE B 292 2.73 -24.77 4.06
N ASN B 293 3.56 -23.98 3.38
CA ASN B 293 4.88 -23.56 3.90
C ASN B 293 4.95 -22.03 3.98
N THR B 294 5.83 -21.56 4.89
CA THR B 294 6.40 -20.21 4.90
C THR B 294 7.93 -20.29 4.97
N GLY B 295 8.57 -19.12 4.98
CA GLY B 295 10.03 -19.00 5.09
C GLY B 295 10.59 -19.63 6.36
N SER B 296 9.75 -19.76 7.39
CA SER B 296 10.21 -20.09 8.74
C SER B 296 9.74 -21.49 9.16
N PHE B 297 8.65 -22.02 8.60
CA PHE B 297 8.18 -23.35 9.02
C PHE B 297 7.40 -24.06 7.90
N SER B 298 6.91 -25.26 8.22
CA SER B 298 6.28 -26.16 7.26
C SER B 298 5.15 -26.94 7.94
N TYR B 299 3.97 -26.85 7.34
CA TYR B 299 2.76 -27.36 7.94
C TYR B 299 2.25 -28.48 7.04
N SER B 300 1.69 -29.50 7.69
CA SER B 300 1.27 -30.81 7.17
C SER B 300 1.04 -31.74 8.38
N TYR B 301 0.11 -32.68 8.24
CA TYR B 301 -0.02 -33.78 9.17
C TYR B 301 0.77 -34.99 8.60
N LYS B 302 0.84 -36.07 9.37
CA LYS B 302 1.50 -37.28 8.90
C LYS B 302 0.47 -38.27 8.32
N THR B 303 -0.70 -38.40 8.95
CA THR B 303 -1.75 -39.23 8.39
C THR B 303 -2.34 -38.53 7.17
N LYS B 304 -2.97 -39.35 6.30
CA LYS B 304 -3.87 -38.87 5.29
C LYS B 304 -5.30 -39.02 5.81
N ASN B 305 -5.42 -39.47 7.06
CA ASN B 305 -6.70 -39.84 7.64
C ASN B 305 -7.26 -38.59 8.36
N ILE B 306 -7.60 -37.59 7.55
CA ILE B 306 -7.82 -36.23 8.02
C ILE B 306 -9.27 -35.86 7.75
N VAL B 307 -9.97 -35.35 8.76
CA VAL B 307 -11.29 -34.78 8.53
C VAL B 307 -11.20 -33.26 8.67
N GLU B 308 -11.56 -32.55 7.59
CA GLU B 308 -11.69 -31.09 7.58
C GLU B 308 -13.19 -30.77 7.64
N PHE B 309 -13.63 -30.04 8.68
CA PHE B 309 -14.98 -29.40 8.71
C PHE B 309 -14.86 -27.90 8.38
N HIS B 310 -15.54 -27.45 7.32
CA HIS B 310 -15.64 -26.02 7.00
C HIS B 310 -17.12 -25.62 6.98
N SER B 311 -17.43 -24.32 7.07
CA SER B 311 -18.80 -23.82 6.86
C SER B 311 -19.26 -24.18 5.45
N ASP B 312 -18.34 -23.92 4.52
CA ASP B 312 -18.38 -24.29 3.12
C ASP B 312 -18.89 -25.73 2.96
N TYR B 313 -18.10 -26.72 3.39
CA TYR B 313 -18.27 -28.13 3.02
C TYR B 313 -17.80 -29.02 4.20
N THR B 314 -17.80 -30.36 4.02
CA THR B 314 -16.98 -31.26 4.86
C THR B 314 -16.13 -32.13 3.93
N LYS B 315 -14.94 -32.52 4.41
CA LYS B 315 -13.97 -33.26 3.60
C LYS B 315 -13.33 -34.38 4.44
N ILE B 316 -13.05 -35.52 3.80
CA ILE B 316 -12.50 -36.71 4.45
C ILE B 316 -11.50 -37.38 3.51
N ARG B 317 -10.28 -37.61 4.01
CA ARG B 317 -9.14 -38.08 3.19
C ARG B 317 -9.08 -37.29 1.87
N SER B 318 -9.79 -37.74 0.82
CA SER B 318 -9.79 -37.02 -0.45
C SER B 318 -11.18 -36.54 -0.86
N ALA B 319 -12.20 -36.90 -0.08
CA ALA B 319 -13.58 -36.82 -0.52
C ALA B 319 -14.24 -35.54 0.00
N THR B 320 -14.46 -34.61 -0.91
CA THR B 320 -15.14 -33.34 -0.68
C THR B 320 -16.65 -33.59 -0.70
N PHE B 321 -17.37 -33.20 0.36
CA PHE B 321 -18.84 -33.33 0.37
C PHE B 321 -19.49 -31.95 0.32
N PRO B 322 -19.54 -31.28 -0.84
CA PRO B 322 -20.02 -29.90 -0.89
C PRO B 322 -21.48 -29.94 -0.40
N GLY B 323 -21.81 -29.06 0.53
CA GLY B 323 -23.13 -29.02 1.12
C GLY B 323 -23.06 -29.06 2.64
N VAL B 324 -22.16 -29.89 3.19
CA VAL B 324 -22.19 -30.28 4.62
C VAL B 324 -21.53 -29.18 5.47
N GLN B 325 -22.39 -28.32 6.05
CA GLN B 325 -22.01 -27.09 6.74
C GLN B 325 -21.58 -27.40 8.17
N MET B 326 -20.39 -26.90 8.54
CA MET B 326 -19.59 -27.31 9.70
C MET B 326 -20.30 -27.06 11.04
N LYS B 327 -21.17 -26.05 11.12
CA LYS B 327 -21.86 -25.74 12.38
C LYS B 327 -22.86 -26.86 12.72
N PHE B 328 -23.80 -27.05 11.78
CA PHE B 328 -24.94 -27.96 11.92
C PHE B 328 -24.44 -29.40 12.06
N ALA B 329 -23.62 -29.81 11.08
CA ALA B 329 -23.02 -31.14 10.99
C ALA B 329 -22.42 -31.55 12.35
N LEU B 330 -21.68 -30.63 12.98
CA LEU B 330 -20.96 -30.92 14.23
C LEU B 330 -21.91 -31.32 15.37
N GLN B 331 -23.13 -30.76 15.40
CA GLN B 331 -24.13 -31.16 16.40
C GLN B 331 -24.43 -32.66 16.28
N LYS B 332 -24.56 -33.16 15.04
CA LYS B 332 -24.90 -34.57 14.80
C LYS B 332 -23.80 -35.47 15.35
N LEU B 333 -22.54 -35.04 15.17
CA LEU B 333 -21.39 -35.82 15.69
C LEU B 333 -21.42 -35.82 17.23
N LEU B 334 -21.76 -34.66 17.81
CA LEU B 334 -21.71 -34.45 19.26
C LEU B 334 -22.50 -35.56 19.99
N THR B 335 -23.67 -35.92 19.43
CA THR B 335 -24.55 -36.91 20.05
C THR B 335 -23.86 -38.29 20.05
N LYS B 336 -23.76 -38.88 18.85
CA LYS B 336 -23.38 -40.27 18.67
C LYS B 336 -21.89 -40.50 18.98
N VAL B 337 -21.09 -39.42 19.08
CA VAL B 337 -19.64 -39.53 19.29
C VAL B 337 -19.36 -40.00 20.72
N ALA B 338 -20.15 -39.49 21.69
CA ALA B 338 -20.05 -39.88 23.11
C ALA B 338 -19.84 -41.40 23.17
N ASP B 339 -20.76 -42.13 22.54
CA ASP B 339 -20.64 -43.56 22.26
C ASP B 339 -19.34 -43.83 21.48
N ALA B 340 -19.34 -43.49 20.18
CA ALA B 340 -18.39 -43.98 19.18
C ALA B 340 -16.94 -43.98 19.68
N ALA B 341 -16.61 -43.10 20.63
CA ALA B 341 -15.23 -42.84 21.00
C ALA B 341 -14.87 -43.50 22.33
N LYS B 342 -15.85 -44.13 22.99
CA LYS B 342 -15.64 -44.64 24.35
C LYS B 342 -15.04 -46.04 24.26
N GLY B 343 -13.88 -46.09 23.59
CA GLY B 343 -12.82 -47.03 23.83
C GLY B 343 -11.48 -46.31 23.74
N TYR B 344 -11.42 -45.10 24.33
CA TYR B 344 -10.17 -44.34 24.39
C TYR B 344 -9.53 -44.53 25.77
N LYS B 345 -8.20 -44.51 25.78
CA LYS B 345 -7.37 -44.53 26.97
C LYS B 345 -6.70 -43.15 27.11
N PRO B 346 -7.39 -42.10 27.63
CA PRO B 346 -6.86 -40.72 27.72
C PRO B 346 -5.34 -40.51 27.89
N VAL B 347 -4.65 -40.28 26.76
CA VAL B 347 -3.20 -40.01 26.67
C VAL B 347 -2.95 -38.62 27.27
N PRO B 348 -1.99 -38.46 28.21
CA PRO B 348 -1.75 -37.17 28.89
C PRO B 348 -1.06 -36.12 28.00
N VAL B 349 -1.45 -34.84 28.13
CA VAL B 349 -1.27 -33.81 27.07
C VAL B 349 -0.11 -32.87 27.40
N PRO B 350 0.68 -32.45 26.39
CA PRO B 350 1.90 -31.67 26.62
C PRO B 350 1.62 -30.28 27.21
N SER B 351 2.66 -29.69 27.82
CA SER B 351 2.54 -28.44 28.57
C SER B 351 3.78 -27.58 28.35
N GLU B 352 3.58 -26.27 28.32
CA GLU B 352 4.65 -25.32 28.31
C GLU B 352 4.79 -24.80 29.73
N PRO B 353 6.01 -24.40 30.19
CA PRO B 353 6.18 -23.69 31.46
C PRO B 353 5.06 -22.66 31.71
N GLU B 354 4.36 -22.81 32.85
CA GLU B 354 3.20 -22.00 33.17
C GLU B 354 3.62 -20.74 33.92
N HIS B 355 4.81 -20.74 34.53
CA HIS B 355 5.45 -19.58 35.19
C HIS B 355 6.96 -19.70 34.98
N ASN B 356 7.71 -18.62 35.20
CA ASN B 356 9.20 -18.58 35.11
C ASN B 356 9.85 -18.77 36.48
N GLU B 357 11.13 -19.12 36.45
CA GLU B 357 11.90 -19.25 37.64
C GLU B 357 12.33 -17.86 38.06
N ALA B 358 12.19 -17.55 39.36
CA ALA B 358 12.63 -16.26 39.89
C ALA B 358 14.08 -16.01 39.45
N VAL B 359 14.41 -14.75 39.12
CA VAL B 359 15.77 -14.34 38.80
C VAL B 359 15.89 -12.88 39.22
N ALA B 360 17.10 -12.34 39.21
CA ALA B 360 17.36 -10.94 39.60
C ALA B 360 16.33 -10.03 38.95
N ASP B 361 16.44 -8.74 39.27
CA ASP B 361 15.68 -7.77 38.59
C ASP B 361 16.57 -7.09 37.56
N SER B 362 17.85 -7.49 37.48
CA SER B 362 18.85 -6.89 36.54
C SER B 362 19.07 -7.79 35.30
N THR B 363 18.42 -8.97 35.30
CA THR B 363 18.58 -10.05 34.29
C THR B 363 18.02 -9.59 32.95
N PRO B 364 18.86 -9.30 31.94
CA PRO B 364 18.39 -8.72 30.68
C PRO B 364 17.26 -9.50 29.99
N LEU B 365 16.34 -8.78 29.34
CA LEU B 365 15.17 -9.42 28.83
C LEU B 365 15.56 -10.35 27.69
N LYS B 366 14.84 -11.48 27.62
CA LYS B 366 15.07 -12.51 26.62
C LYS B 366 13.73 -13.02 26.14
N GLN B 367 13.63 -13.35 24.84
CA GLN B 367 12.33 -13.67 24.26
C GLN B 367 11.63 -14.78 25.06
N GLU B 368 12.30 -15.92 25.28
CA GLU B 368 11.65 -17.13 25.85
C GLU B 368 11.07 -16.81 27.24
N TRP B 369 11.77 -15.96 28.01
CA TRP B 369 11.29 -15.41 29.29
C TRP B 369 9.98 -14.64 29.08
N VAL B 370 10.04 -13.65 28.18
CA VAL B 370 8.95 -12.71 27.94
C VAL B 370 7.63 -13.45 27.70
N TRP B 371 7.64 -14.45 26.81
CA TRP B 371 6.41 -15.03 26.29
C TRP B 371 5.72 -15.85 27.37
N THR B 372 6.52 -16.42 28.27
CA THR B 372 5.93 -17.13 29.40
C THR B 372 5.28 -16.10 30.32
N GLN B 373 6.05 -15.06 30.68
CA GLN B 373 5.67 -14.00 31.62
C GLN B 373 4.40 -13.26 31.14
N VAL B 374 4.27 -13.06 29.83
CA VAL B 374 3.08 -12.37 29.31
C VAL B 374 1.80 -13.01 29.89
N GLY B 375 1.83 -14.31 30.18
CA GLY B 375 0.67 -15.06 30.64
C GLY B 375 0.16 -14.59 31.99
N GLU B 376 1.07 -13.97 32.78
CA GLU B 376 0.75 -13.42 34.13
C GLU B 376 -0.02 -12.11 34.02
N PHE B 377 0.13 -11.41 32.89
CA PHE B 377 -0.44 -10.10 32.69
C PHE B 377 -1.85 -10.21 32.07
N LEU B 378 -2.08 -11.28 31.31
CA LEU B 378 -3.29 -11.38 30.49
C LEU B 378 -4.47 -11.67 31.41
N ARG B 379 -5.68 -11.67 30.85
CA ARG B 379 -6.92 -11.84 31.62
C ARG B 379 -8.11 -12.09 30.69
N GLU B 380 -9.15 -12.74 31.22
CA GLU B 380 -10.31 -13.16 30.43
C GLU B 380 -10.84 -11.93 29.71
N GLY B 381 -11.29 -12.11 28.47
CA GLY B 381 -11.83 -11.02 27.65
C GLY B 381 -10.78 -10.30 26.80
N ASP B 382 -9.50 -10.33 27.22
CA ASP B 382 -8.41 -9.64 26.52
C ASP B 382 -8.40 -10.04 25.04
N VAL B 383 -7.80 -9.16 24.23
CA VAL B 383 -7.53 -9.39 22.83
C VAL B 383 -6.02 -9.31 22.67
N VAL B 384 -5.42 -10.30 22.00
CA VAL B 384 -3.94 -10.44 21.88
C VAL B 384 -3.51 -10.51 20.40
N ILE B 385 -2.76 -9.50 19.96
CA ILE B 385 -2.41 -9.32 18.58
C ILE B 385 -0.90 -9.44 18.42
N THR B 386 -0.48 -10.24 17.43
CA THR B 386 0.94 -10.63 17.23
C THR B 386 1.32 -10.45 15.74
N GLU B 387 2.45 -9.80 15.49
CA GLU B 387 2.83 -9.47 14.17
C GLU B 387 3.79 -10.53 13.64
N THR B 388 3.73 -10.76 12.32
CA THR B 388 4.64 -11.62 11.64
C THR B 388 6.02 -11.16 12.05
N GLY B 389 6.92 -12.10 12.34
CA GLY B 389 8.18 -11.85 13.04
C GLY B 389 8.28 -12.73 14.27
N THR B 390 9.26 -12.44 15.13
CA THR B 390 9.48 -13.21 16.36
C THR B 390 8.17 -13.26 17.17
N SER B 391 7.48 -12.13 17.28
CA SER B 391 6.30 -12.00 18.15
C SER B 391 5.22 -13.06 17.81
N ALA B 392 5.04 -13.39 16.52
CA ALA B 392 3.97 -14.32 16.11
C ALA B 392 4.17 -15.68 16.76
N PHE B 393 5.45 -16.09 16.83
CA PHE B 393 5.90 -17.43 17.23
C PHE B 393 6.01 -17.52 18.75
N GLY B 394 6.38 -16.39 19.38
CA GLY B 394 6.62 -16.29 20.79
C GLY B 394 5.35 -16.57 21.56
N ILE B 395 4.24 -16.05 21.04
CA ILE B 395 3.01 -16.01 21.79
C ILE B 395 2.47 -17.42 21.95
N ASN B 396 2.88 -18.33 21.05
CA ASN B 396 2.38 -19.69 21.01
C ASN B 396 2.70 -20.39 22.33
N GLN B 397 3.80 -19.94 22.96
CA GLN B 397 4.28 -20.46 24.25
C GLN B 397 3.39 -19.94 25.40
N THR B 398 2.87 -18.71 25.27
CA THR B 398 2.05 -17.99 26.26
C THR B 398 0.75 -18.74 26.60
N HIS B 399 0.38 -18.72 27.89
CA HIS B 399 -0.85 -19.30 28.38
C HIS B 399 -1.92 -18.21 28.36
N PHE B 400 -2.99 -18.47 27.61
CA PHE B 400 -4.10 -17.54 27.33
C PHE B 400 -5.26 -17.80 28.28
N PRO B 401 -5.55 -16.92 29.26
CA PRO B 401 -6.80 -16.95 29.99
C PRO B 401 -8.05 -17.22 29.13
N ASN B 402 -9.05 -17.87 29.73
CA ASN B 402 -10.29 -18.21 29.07
C ASN B 402 -10.86 -16.97 28.39
N ASN B 403 -11.37 -17.14 27.17
CA ASN B 403 -12.03 -16.06 26.41
C ASN B 403 -11.01 -14.97 26.04
N THR B 404 -9.79 -15.42 25.72
CA THR B 404 -8.84 -14.61 25.02
C THR B 404 -9.09 -14.78 23.53
N TYR B 405 -9.25 -13.66 22.78
CA TYR B 405 -9.29 -13.67 21.31
C TYR B 405 -7.90 -13.26 20.76
N GLY B 406 -7.43 -14.03 19.76
CA GLY B 406 -6.09 -13.92 19.23
C GLY B 406 -6.09 -13.46 17.78
N ILE B 407 -5.18 -12.56 17.45
CA ILE B 407 -4.97 -12.15 16.05
C ILE B 407 -3.48 -12.26 15.70
N SER B 408 -3.11 -13.36 15.04
CA SER B 408 -1.79 -13.57 14.47
C SER B 408 -1.97 -13.92 12.99
N GLN B 409 -1.58 -13.00 12.10
CA GLN B 409 -1.83 -13.16 10.66
C GLN B 409 -0.77 -14.08 10.06
N VAL B 410 -0.70 -15.34 10.51
CA VAL B 410 0.50 -16.13 10.31
C VAL B 410 0.47 -16.83 8.95
N LEU B 411 -0.73 -16.96 8.36
CA LEU B 411 -0.88 -17.55 7.04
C LEU B 411 -0.43 -16.58 5.96
N TRP B 412 -1.13 -15.45 5.80
CA TRP B 412 -0.84 -14.47 4.73
C TRP B 412 0.42 -13.64 5.06
N GLY B 413 0.63 -13.39 6.35
CA GLY B 413 1.93 -13.00 6.91
C GLY B 413 2.46 -11.68 6.39
N SER B 414 1.61 -10.64 6.32
CA SER B 414 2.01 -9.28 5.85
C SER B 414 2.40 -8.39 7.04
N ILE B 415 3.67 -7.99 7.12
CA ILE B 415 4.10 -7.14 8.20
C ILE B 415 3.54 -5.73 8.01
N GLY B 416 3.26 -5.08 9.14
CA GLY B 416 2.56 -3.82 9.20
C GLY B 416 1.08 -4.02 9.47
N PHE B 417 0.55 -5.18 9.08
CA PHE B 417 -0.83 -5.58 9.29
C PHE B 417 -1.32 -5.14 10.69
N THR B 418 -0.54 -5.47 11.72
CA THR B 418 -0.99 -5.38 13.11
C THR B 418 -1.34 -3.95 13.51
N THR B 419 -0.48 -2.97 13.19
CA THR B 419 -0.72 -1.57 13.59
C THR B 419 -2.14 -1.15 13.21
N GLY B 420 -2.54 -1.53 12.00
CA GLY B 420 -3.91 -1.36 11.49
C GLY B 420 -4.94 -2.25 12.20
N ALA B 421 -4.69 -3.56 12.22
CA ALA B 421 -5.62 -4.47 12.84
C ALA B 421 -5.90 -4.06 14.30
N THR B 422 -4.88 -3.49 14.95
CA THR B 422 -4.95 -3.00 16.31
C THR B 422 -5.99 -1.88 16.37
N LEU B 423 -5.94 -0.94 15.43
CA LEU B 423 -6.93 0.16 15.42
C LEU B 423 -8.33 -0.42 15.32
N GLY B 424 -8.60 -1.16 14.24
CA GLY B 424 -9.90 -1.84 14.02
C GLY B 424 -10.40 -2.64 15.22
N ALA B 425 -9.52 -3.40 15.87
CA ALA B 425 -9.92 -4.24 17.00
C ALA B 425 -10.35 -3.37 18.18
N ALA B 426 -9.66 -2.25 18.39
CA ALA B 426 -9.91 -1.36 19.53
C ALA B 426 -11.22 -0.61 19.34
N PHE B 427 -11.57 -0.27 18.08
CA PHE B 427 -12.88 0.25 17.76
C PHE B 427 -13.93 -0.83 18.10
N ALA B 428 -13.75 -2.04 17.58
CA ALA B 428 -14.68 -3.12 17.85
C ALA B 428 -14.74 -3.39 19.36
N ALA B 429 -13.58 -3.47 20.01
CA ALA B 429 -13.52 -3.69 21.47
C ALA B 429 -14.43 -2.69 22.21
N GLU B 430 -14.27 -1.40 21.89
CA GLU B 430 -14.93 -0.34 22.57
C GLU B 430 -16.44 -0.58 22.51
N GLU B 431 -16.89 -0.99 21.32
CA GLU B 431 -18.31 -1.13 21.00
C GLU B 431 -18.87 -2.38 21.66
N ILE B 432 -17.98 -3.28 22.10
CA ILE B 432 -18.36 -4.49 22.78
C ILE B 432 -18.32 -4.28 24.30
N ASP B 433 -17.28 -3.63 24.82
CA ASP B 433 -17.08 -3.51 26.27
C ASP B 433 -15.98 -2.48 26.54
N PRO B 434 -16.28 -1.32 27.17
CA PRO B 434 -15.24 -0.36 27.55
C PRO B 434 -13.98 -0.97 28.19
N LYS B 435 -14.15 -2.05 28.97
CA LYS B 435 -13.10 -2.49 29.90
C LYS B 435 -12.28 -3.64 29.27
N LYS B 436 -12.58 -4.00 28.03
CA LYS B 436 -11.86 -5.06 27.33
C LYS B 436 -10.59 -4.52 26.66
N ARG B 437 -9.43 -4.91 27.21
CA ARG B 437 -8.14 -4.38 26.81
C ARG B 437 -7.73 -4.95 25.45
N VAL B 438 -6.92 -4.19 24.71
CA VAL B 438 -6.36 -4.63 23.42
C VAL B 438 -4.85 -4.47 23.45
N ILE B 439 -4.15 -5.59 23.25
CA ILE B 439 -2.73 -5.75 23.53
C ILE B 439 -2.01 -6.16 22.25
N LEU B 440 -0.89 -5.50 21.95
CA LEU B 440 -0.20 -5.69 20.67
C LEU B 440 1.29 -5.89 20.91
N PHE B 441 1.83 -6.94 20.30
CA PHE B 441 3.25 -7.13 20.19
C PHE B 441 3.62 -7.09 18.70
N ILE B 442 4.55 -6.18 18.38
CA ILE B 442 4.96 -5.87 17.04
C ILE B 442 6.46 -5.56 17.03
N GLY B 443 7.15 -5.88 15.94
CA GLY B 443 8.60 -5.66 15.87
C GLY B 443 8.94 -4.23 15.53
N ASP B 444 10.17 -3.84 15.87
CA ASP B 444 10.69 -2.52 15.54
C ASP B 444 10.56 -2.23 14.03
N GLY B 445 10.59 -3.30 13.22
CA GLY B 445 10.74 -3.15 11.80
C GLY B 445 9.41 -3.20 11.08
N SER B 446 8.51 -4.05 11.58
CA SER B 446 7.15 -4.14 11.03
C SER B 446 6.41 -2.80 11.15
N LEU B 447 6.54 -2.17 12.32
CA LEU B 447 5.90 -0.92 12.66
C LEU B 447 6.18 0.19 11.62
N GLN B 448 7.39 0.20 11.06
CA GLN B 448 7.77 1.22 10.16
C GLN B 448 6.79 1.22 8.96
N LEU B 449 6.30 0.04 8.60
CA LEU B 449 5.46 -0.07 7.40
C LEU B 449 4.12 0.66 7.60
N THR B 450 3.62 0.72 8.83
CA THR B 450 2.22 1.17 9.11
C THR B 450 2.14 2.10 10.33
N VAL B 451 3.21 2.87 10.60
CA VAL B 451 3.36 3.54 11.89
C VAL B 451 2.29 4.61 12.09
N GLN B 452 1.76 5.18 11.00
CA GLN B 452 0.98 6.42 11.09
C GLN B 452 -0.43 6.14 11.62
N GLU B 453 -0.91 4.90 11.49
CA GLU B 453 -2.22 4.55 11.93
C GLU B 453 -2.31 4.66 13.46
N ILE B 454 -1.18 4.91 14.12
CA ILE B 454 -1.19 5.21 15.53
C ILE B 454 -1.96 6.53 15.74
N SER B 455 -1.71 7.52 14.88
CA SER B 455 -2.36 8.84 14.92
C SER B 455 -3.87 8.63 15.10
N THR B 456 -4.40 7.66 14.35
CA THR B 456 -5.81 7.45 14.24
C THR B 456 -6.34 6.92 15.56
N MET B 457 -5.58 6.03 16.21
CA MET B 457 -5.85 5.56 17.58
C MET B 457 -5.96 6.79 18.52
N ILE B 458 -4.95 7.69 18.46
CA ILE B 458 -4.83 8.83 19.41
C ILE B 458 -6.07 9.70 19.30
N ARG B 459 -6.39 10.01 18.05
CA ARG B 459 -7.49 10.85 17.63
C ARG B 459 -8.81 10.31 18.20
N TRP B 460 -9.05 8.99 18.15
CA TRP B 460 -10.35 8.43 18.63
C TRP B 460 -10.28 8.05 20.11
N GLY B 461 -9.21 8.47 20.79
CA GLY B 461 -9.05 8.31 22.23
C GLY B 461 -9.06 6.86 22.67
N LEU B 462 -8.64 5.95 21.78
CA LEU B 462 -8.54 4.52 22.05
C LEU B 462 -7.32 4.26 22.94
N LYS B 463 -7.33 3.15 23.69
CA LYS B 463 -6.31 2.89 24.74
C LYS B 463 -5.68 1.51 24.62
N PRO B 464 -5.16 1.13 23.44
CA PRO B 464 -4.47 -0.15 23.31
C PRO B 464 -3.09 -0.11 23.97
N TYR B 465 -2.53 -1.30 24.23
CA TYR B 465 -1.18 -1.49 24.71
C TYR B 465 -0.29 -1.82 23.51
N LEU B 466 0.80 -1.08 23.30
CA LEU B 466 1.63 -1.26 22.10
C LEU B 466 3.05 -1.67 22.53
N PHE B 467 3.25 -2.97 22.75
CA PHE B 467 4.58 -3.52 23.04
C PHE B 467 5.38 -3.57 21.72
N VAL B 468 6.43 -2.76 21.62
CA VAL B 468 7.27 -2.78 20.44
C VAL B 468 8.54 -3.58 20.78
N LEU B 469 8.85 -4.62 20.01
CA LEU B 469 10.04 -5.41 20.26
C LEU B 469 11.20 -4.76 19.49
N ASN B 470 12.06 -4.05 20.22
CA ASN B 470 13.20 -3.35 19.67
C ASN B 470 14.44 -4.23 19.68
N ASN B 471 14.69 -4.91 18.56
CA ASN B 471 15.81 -5.86 18.41
C ASN B 471 16.69 -5.45 17.21
N ASP B 472 16.92 -4.14 17.09
CA ASP B 472 17.77 -3.47 16.07
C ASP B 472 17.66 -4.13 14.68
N GLY B 473 16.44 -4.51 14.25
CA GLY B 473 16.26 -4.99 12.88
C GLY B 473 15.28 -6.14 12.75
N TYR B 474 15.22 -6.63 11.50
CA TYR B 474 14.35 -7.71 11.04
C TYR B 474 14.95 -9.07 11.43
N THR B 475 14.52 -9.64 12.57
CA THR B 475 15.37 -10.60 13.24
C THR B 475 14.96 -12.02 12.88
N ILE B 476 13.68 -12.25 12.61
CA ILE B 476 13.25 -13.49 12.02
C ILE B 476 14.00 -13.66 10.70
N GLU B 477 14.11 -12.59 9.92
CA GLU B 477 14.69 -12.65 8.59
C GLU B 477 16.17 -13.03 8.72
N ARG B 478 16.87 -12.39 9.66
CA ARG B 478 18.28 -12.60 9.92
C ARG B 478 18.56 -14.07 10.21
N LEU B 479 17.57 -14.78 10.79
CA LEU B 479 17.72 -16.17 11.21
C LEU B 479 17.52 -17.15 10.05
N ILE B 480 16.94 -16.69 8.94
CA ILE B 480 16.68 -17.57 7.78
C ILE B 480 17.44 -17.06 6.55
N HIS B 481 18.49 -16.26 6.73
CA HIS B 481 19.39 -15.81 5.64
C HIS B 481 19.74 -14.32 5.76
N GLY B 482 21.03 -14.03 5.85
CA GLY B 482 21.57 -12.68 5.86
C GLY B 482 21.62 -12.13 7.26
N GLU B 483 22.29 -12.86 8.16
CA GLU B 483 22.39 -12.49 9.57
C GLU B 483 22.92 -11.06 9.70
N THR B 484 23.79 -10.65 8.78
CA THR B 484 24.45 -9.35 8.88
C THR B 484 24.25 -8.52 7.60
N ALA B 485 23.21 -8.82 6.83
CA ALA B 485 22.99 -8.12 5.57
C ALA B 485 22.31 -6.77 5.84
N GLN B 486 22.78 -5.72 5.13
CA GLN B 486 22.28 -4.33 5.27
C GLN B 486 20.75 -4.30 5.07
N TYR B 487 20.21 -5.24 4.29
CA TYR B 487 18.80 -5.28 3.95
C TYR B 487 17.94 -5.75 5.13
N ASN B 488 18.54 -6.45 6.11
CA ASN B 488 17.85 -6.87 7.35
C ASN B 488 18.06 -5.82 8.48
N CYS B 489 18.84 -4.76 8.23
CA CYS B 489 19.02 -3.61 9.17
C CYS B 489 17.90 -2.59 8.93
N ILE B 490 17.57 -1.75 9.92
CA ILE B 490 16.50 -0.69 9.78
C ILE B 490 16.93 0.60 10.47
N GLN B 491 16.61 1.75 9.86
CA GLN B 491 16.87 3.04 10.47
C GLN B 491 16.22 3.04 11.86
N ASN B 492 16.85 3.74 12.82
CA ASN B 492 16.54 3.63 14.27
C ASN B 492 15.63 4.78 14.71
N TRP B 493 14.52 4.40 15.35
CA TRP B 493 13.46 5.33 15.68
C TRP B 493 13.33 5.50 17.20
N GLN B 494 13.18 6.75 17.62
CA GLN B 494 12.86 7.05 18.96
C GLN B 494 11.44 6.56 19.26
N HIS B 495 11.26 5.27 19.49
CA HIS B 495 9.93 4.68 19.62
C HIS B 495 9.13 5.41 20.70
N LEU B 496 9.81 5.87 21.77
CA LEU B 496 9.10 6.47 22.89
C LEU B 496 8.51 7.81 22.46
N GLU B 497 9.18 8.49 21.54
CA GLU B 497 8.76 9.79 21.03
C GLU B 497 7.63 9.69 19.99
N LEU B 498 7.21 8.48 19.61
CA LEU B 498 6.23 8.34 18.51
C LEU B 498 4.85 8.87 18.92
N LEU B 499 4.41 8.61 20.15
CA LEU B 499 3.12 9.11 20.62
C LEU B 499 3.08 10.65 20.64
N PRO B 500 3.89 11.37 21.43
CA PRO B 500 3.77 12.82 21.50
C PRO B 500 3.97 13.41 20.12
N THR B 501 4.73 12.74 19.26
CA THR B 501 5.05 13.30 17.96
C THR B 501 3.81 13.24 17.06
N PHE B 502 2.94 12.26 17.24
CA PHE B 502 1.67 12.23 16.53
C PHE B 502 0.58 12.98 17.33
N GLY B 503 1.02 13.87 18.24
CA GLY B 503 0.15 14.85 18.91
C GLY B 503 -0.68 14.25 20.04
N ALA B 504 -0.18 13.18 20.65
CA ALA B 504 -0.81 12.57 21.82
C ALA B 504 -0.57 13.44 23.06
N LYS B 505 -1.54 13.36 23.99
CA LYS B 505 -1.64 14.21 25.18
C LYS B 505 -1.88 13.33 26.42
N ASP B 506 -2.85 12.41 26.35
CA ASP B 506 -3.04 11.45 27.43
C ASP B 506 -2.43 10.11 27.01
N TYR B 507 -1.17 9.91 27.41
CA TYR B 507 -0.35 8.86 26.86
C TYR B 507 0.64 8.39 27.95
N GLU B 508 1.02 7.11 27.95
CA GLU B 508 2.25 6.64 28.63
C GLU B 508 3.16 5.95 27.61
N ALA B 509 4.47 6.10 27.81
CA ALA B 509 5.51 5.56 26.94
C ALA B 509 6.71 5.16 27.79
N VAL B 510 6.99 3.87 27.94
CA VAL B 510 8.08 3.45 28.82
C VAL B 510 8.92 2.39 28.12
N ARG B 511 10.22 2.41 28.47
CA ARG B 511 11.25 1.44 28.05
C ARG B 511 11.37 0.37 29.12
N VAL B 512 11.56 -0.89 28.69
CA VAL B 512 11.88 -2.01 29.59
C VAL B 512 13.02 -2.84 28.96
N SER B 513 14.07 -3.06 29.76
CA SER B 513 15.31 -3.66 29.32
C SER B 513 15.61 -4.97 30.06
N THR B 514 14.95 -5.15 31.21
CA THR B 514 15.34 -6.13 32.22
C THR B 514 14.09 -6.76 32.81
N THR B 515 14.28 -7.97 33.33
CA THR B 515 13.19 -8.80 33.79
C THR B 515 12.42 -8.09 34.92
N GLY B 516 13.17 -7.36 35.76
CA GLY B 516 12.59 -6.63 36.88
C GLY B 516 11.77 -5.43 36.42
N GLU B 517 12.30 -4.71 35.42
CA GLU B 517 11.62 -3.54 34.85
C GLU B 517 10.26 -3.97 34.29
N TRP B 518 10.22 -5.12 33.61
CA TRP B 518 8.97 -5.67 33.04
C TRP B 518 7.98 -5.96 34.16
N ASN B 519 8.50 -6.31 35.32
CA ASN B 519 7.67 -6.68 36.43
C ASN B 519 7.12 -5.43 37.12
N LYS B 520 8.00 -4.45 37.41
CA LYS B 520 7.59 -3.16 37.98
C LYS B 520 6.41 -2.57 37.20
N LEU B 521 6.39 -2.80 35.87
CA LEU B 521 5.38 -2.25 34.99
C LEU B 521 4.12 -3.12 34.93
N THR B 522 4.23 -4.41 34.58
CA THR B 522 3.01 -5.22 34.27
C THR B 522 2.23 -5.64 35.54
N THR B 523 2.91 -5.64 36.69
CA THR B 523 2.31 -5.92 38.00
C THR B 523 1.57 -4.68 38.55
N ASP B 524 2.07 -3.48 38.23
CA ASP B 524 1.46 -2.24 38.68
C ASP B 524 -0.02 -2.19 38.29
N GLU B 525 -0.85 -1.81 39.25
CA GLU B 525 -2.28 -1.97 39.15
C GLU B 525 -2.87 -1.00 38.12
N LYS B 526 -2.29 0.21 37.99
CA LYS B 526 -2.89 1.22 37.12
C LYS B 526 -2.62 0.88 35.66
N PHE B 527 -1.41 0.40 35.42
CA PHE B 527 -1.04 -0.08 34.13
C PHE B 527 -2.08 -1.08 33.61
N GLN B 528 -2.57 -1.93 34.50
CA GLN B 528 -3.39 -3.06 34.12
C GLN B 528 -4.79 -2.60 33.68
N ASP B 529 -5.13 -1.32 33.91
CA ASP B 529 -6.41 -0.74 33.50
C ASP B 529 -6.21 0.04 32.19
N ASN B 530 -7.10 -0.20 31.22
CA ASN B 530 -7.11 0.45 29.88
C ASN B 530 -7.56 1.91 30.01
N THR B 531 -6.73 2.70 30.67
CA THR B 531 -7.07 4.04 30.99
C THR B 531 -6.64 4.95 29.85
N ARG B 532 -5.38 4.87 29.43
CA ARG B 532 -4.87 5.64 28.28
C ARG B 532 -4.12 4.73 27.30
N ILE B 533 -3.75 5.29 26.14
CA ILE B 533 -2.85 4.62 25.20
C ILE B 533 -1.43 4.58 25.81
N ARG B 534 -0.82 3.38 25.74
CA ARG B 534 0.52 3.11 26.27
C ARG B 534 1.38 2.46 25.16
N LEU B 535 2.68 2.78 25.13
CA LEU B 535 3.65 2.15 24.23
C LEU B 535 4.87 1.71 25.06
N ILE B 536 5.23 0.43 24.95
CA ILE B 536 6.25 -0.18 25.77
C ILE B 536 7.38 -0.64 24.87
N GLU B 537 8.45 0.13 24.77
CA GLU B 537 9.62 -0.30 24.01
C GLU B 537 10.26 -1.42 24.83
N VAL B 538 10.33 -2.61 24.24
CA VAL B 538 10.95 -3.76 24.87
C VAL B 538 12.31 -4.01 24.20
N MET B 539 13.35 -3.68 24.96
CA MET B 539 14.70 -3.85 24.52
C MET B 539 15.06 -5.34 24.56
N LEU B 540 15.81 -5.78 23.55
CA LEU B 540 16.02 -7.19 23.27
C LEU B 540 17.25 -7.40 22.38
N PRO B 541 17.96 -8.52 22.56
CA PRO B 541 19.17 -8.77 21.82
C PRO B 541 18.75 -9.01 20.37
N THR B 542 19.62 -8.64 19.42
CA THR B 542 19.31 -8.69 17.99
C THR B 542 18.87 -10.08 17.52
N MET B 543 19.66 -11.11 17.87
CA MET B 543 19.51 -12.43 17.33
C MET B 543 18.68 -13.32 18.27
N ASP B 544 18.07 -12.75 19.31
CA ASP B 544 17.24 -13.52 20.26
C ASP B 544 15.87 -13.81 19.63
N ALA B 545 15.26 -14.95 20.01
CA ALA B 545 13.97 -15.42 19.47
C ALA B 545 13.56 -16.73 20.12
N PRO B 546 12.26 -17.06 20.13
CA PRO B 546 11.79 -18.28 20.77
C PRO B 546 12.58 -19.51 20.30
N SER B 547 13.03 -20.31 21.27
CA SER B 547 14.13 -21.26 21.14
C SER B 547 13.83 -22.36 20.11
N ASN B 548 12.55 -22.70 19.94
CA ASN B 548 12.08 -23.56 18.84
C ASN B 548 12.56 -23.01 17.49
N LEU B 549 12.26 -21.73 17.23
CA LEU B 549 12.53 -21.11 15.94
C LEU B 549 14.05 -20.93 15.69
N VAL B 550 14.87 -20.88 16.74
CA VAL B 550 16.33 -20.72 16.53
C VAL B 550 16.89 -22.05 16.00
N LYS B 551 16.32 -23.15 16.53
CA LYS B 551 16.65 -24.54 16.17
C LYS B 551 16.33 -24.78 14.69
N GLN B 552 15.07 -24.54 14.33
CA GLN B 552 14.53 -24.93 13.04
C GLN B 552 15.08 -24.03 11.93
N ALA B 553 15.63 -22.88 12.29
CA ALA B 553 16.26 -21.96 11.34
C ALA B 553 17.74 -22.35 11.11
N GLN B 554 18.16 -23.39 11.83
CA GLN B 554 19.50 -23.92 11.73
C GLN B 554 19.38 -25.24 10.97
N LEU B 555 18.43 -26.07 11.42
CA LEU B 555 18.10 -27.39 10.89
C LEU B 555 17.90 -27.30 9.37
N THR B 556 17.00 -26.39 8.99
CA THR B 556 16.55 -26.24 7.61
C THR B 556 17.71 -25.72 6.73
N ALA B 557 18.74 -25.11 7.34
CA ALA B 557 19.92 -24.62 6.61
C ALA B 557 21.02 -25.70 6.55
N ALA B 558 20.89 -26.77 7.35
CA ALA B 558 21.89 -27.86 7.44
C ALA B 558 21.67 -28.92 6.36
N THR B 559 20.43 -29.02 5.85
CA THR B 559 20.01 -30.01 4.81
C THR B 559 20.43 -29.51 3.41
N ASN B 560 20.66 -30.45 2.49
CA ASN B 560 20.87 -30.13 1.08
C ASN B 560 19.52 -29.84 0.39
N ALA B 561 18.42 -30.31 1.00
CA ALA B 561 17.00 -30.16 0.54
C ALA B 561 16.57 -28.68 0.45
N LYS B 562 15.75 -28.38 -0.57
CA LYS B 562 15.63 -27.02 -1.09
C LYS B 562 14.16 -26.60 -1.28
N ASN B 563 14.06 -25.32 -1.69
CA ASN B 563 12.90 -24.64 -2.30
C ASN B 563 12.98 -24.87 -3.82
#